data_9MTE
#
_entry.id   9MTE
#
_cell.length_a   1.00
_cell.length_b   1.00
_cell.length_c   1.00
_cell.angle_alpha   90.00
_cell.angle_beta   90.00
_cell.angle_gamma   90.00
#
_symmetry.space_group_name_H-M   'P 1'
#
loop_
_entity.id
_entity.type
_entity.pdbx_description
1 polymer 'VHH nanobody 27A05'
2 polymer 'VHH nanobody 47D05'
3 polymer 'Receptor tyrosine-protein kinase erbB-2'
#
loop_
_entity_poly.entity_id
_entity_poly.type
_entity_poly.pdbx_seq_one_letter_code
_entity_poly.pdbx_strand_id
1 'polypeptide(L)'
;EVQLVESGGGLVQAGGSLRLSCVASGIPFSTRTMAWYRQPPGNERDWVATIRSGAPVYADSVKGRFTVSRDNAKNTLYLQ
MNSLEPEDTATYYCWDVNGDIWGQGTLVTVSSGAADYKDHDGDYKDHDIDYKDDDDKGAAHHHHHH
;
A
2 'polypeptide(L)'
;EVQLVESGGGVVQPGGSLRLSCAASGSIFGFNDMAWYRQAPGKQRELVALISRVGVTSSADSVKGRFTISRVNAKDTVYL
QMNSLRPEDTALYYCYMDQRLDGSTLAYWGQGTLVTVSSAAAHHHHHH
;
B
3 'polypeptide(L)'
;TQVCTGTDMKLRLPASPETHLDMLRHLYQGCQVVQGNLELTYLPTNASLSFLQDIQEVQGYVLIAHNQVRQVPLQRLRIV
RGTQLFEDNYALAVLDNGDPLNNTTPVTGASPGGLRELQLRSLTEILKGGVLIQRNPQLCYQDTILWKDIFHKNNQLALT
LIDTNRSRACHPCSPMCKGSRCWGESSEDCQSLTRTVCAGGCARCKGPLPTDCCHEQCAAGCTGPKHSDCLACLHFNHSG
ICELHCPALVTYNTDTFESMPNPEGRYTFGASCVTACPYNYLSTDVGSCTLVCPLHNQEVTAEDGTQRCEKCSKPCARVC
YGLGMEHLREVRAVTSANIQEFAGCKKIFGSLAFLPESFDGDPASNTAPLQPEQLQVFETLEEITGYLYISAWPDSLPDL
SVFQNLQVIRGRILHNGAYSLTLQGLGISWLGLRSLRELGSGLALIHHNTHLCFVHTVPWDQLFRNPHQALLHTANRPED
ECVGEGLACHQLCARGHCWGPGPTQCVNCSQFLRGQECVEECRVLQGLPREYVNARHCLPCHPECQPQNGSVTCFGPEAD
QCVACAHYKDPPFCVARCPSGVKPDLSYMPIWKFPDEEGACQPCPINCTHSCVDLDDKGCPAEQRASPLT
;
C
#
# COMPACT_ATOMS: atom_id res chain seq x y z
N VAL A 2 12.27 -20.58 10.96
CA VAL A 2 10.87 -20.65 11.35
C VAL A 2 10.03 -21.20 10.20
N GLN A 3 9.37 -22.33 10.44
CA GLN A 3 8.54 -22.95 9.41
C GLN A 3 7.46 -23.79 10.08
N LEU A 4 6.37 -23.99 9.34
CA LEU A 4 5.27 -24.86 9.76
C LEU A 4 5.05 -25.93 8.70
N VAL A 5 4.85 -27.17 9.15
CA VAL A 5 4.67 -28.31 8.26
C VAL A 5 3.38 -29.01 8.65
N GLU A 6 2.51 -29.24 7.66
CA GLU A 6 1.27 -29.96 7.86
C GLU A 6 1.39 -31.38 7.33
N SER A 7 0.78 -32.32 8.02
CA SER A 7 0.84 -33.73 7.64
C SER A 7 -0.40 -34.44 8.19
N GLY A 8 -0.64 -35.63 7.66
CA GLY A 8 -1.76 -36.44 8.09
C GLY A 8 -2.97 -36.41 7.18
N GLY A 9 -2.87 -35.78 6.00
CA GLY A 9 -3.98 -35.74 5.08
C GLY A 9 -4.14 -37.03 4.28
N GLY A 10 -4.55 -36.91 3.02
CA GLY A 10 -4.71 -38.05 2.14
C GLY A 10 -6.13 -38.17 1.62
N LEU A 11 -6.60 -39.41 1.52
CA LEU A 11 -7.91 -39.71 0.96
C LEU A 11 -8.79 -40.40 1.99
N VAL A 12 -10.10 -40.21 1.87
CA VAL A 12 -11.07 -40.83 2.77
C VAL A 12 -12.41 -40.82 2.06
N GLN A 13 -13.30 -41.72 2.47
CA GLN A 13 -14.63 -41.80 1.90
C GLN A 13 -15.60 -40.88 2.64
N ALA A 14 -16.80 -40.75 2.09
CA ALA A 14 -17.82 -39.92 2.71
C ALA A 14 -18.22 -40.49 4.07
N GLY A 15 -18.35 -39.61 5.05
CA GLY A 15 -18.68 -40.02 6.40
C GLY A 15 -17.53 -40.62 7.18
N GLY A 16 -16.30 -40.48 6.71
CA GLY A 16 -15.14 -41.04 7.37
C GLY A 16 -14.57 -40.10 8.42
N SER A 17 -13.30 -40.36 8.77
CA SER A 17 -12.61 -39.57 9.79
C SER A 17 -11.17 -39.34 9.34
N LEU A 18 -10.57 -38.28 9.89
CA LEU A 18 -9.19 -37.93 9.56
C LEU A 18 -8.62 -37.12 10.71
N ARG A 19 -7.29 -37.15 10.83
CA ARG A 19 -6.58 -36.37 11.83
C ARG A 19 -5.42 -35.65 11.17
N LEU A 20 -5.30 -34.35 11.45
CA LEU A 20 -4.26 -33.52 10.88
C LEU A 20 -3.27 -33.11 11.97
N SER A 21 -2.06 -32.77 11.53
CA SER A 21 -1.00 -32.39 12.45
C SER A 21 -0.20 -31.24 11.85
N CYS A 22 0.15 -30.26 12.68
CA CYS A 22 0.97 -29.14 12.28
C CYS A 22 2.09 -28.97 13.30
N VAL A 23 3.33 -28.93 12.82
CA VAL A 23 4.51 -28.87 13.67
C VAL A 23 5.22 -27.55 13.45
N ALA A 24 5.77 -26.99 14.53
CA ALA A 24 6.48 -25.72 14.49
C ALA A 24 7.90 -25.92 14.99
N SER A 25 8.87 -25.39 14.25
CA SER A 25 10.28 -25.46 14.62
C SER A 25 10.88 -24.07 14.59
N GLY A 26 11.49 -23.66 15.70
CA GLY A 26 12.16 -22.38 15.78
C GLY A 26 11.35 -21.25 16.35
N ILE A 27 10.12 -21.50 16.83
CA ILE A 27 9.28 -20.45 17.38
C ILE A 27 8.75 -20.88 18.75
N PRO A 28 8.44 -19.95 19.65
CA PRO A 28 7.88 -20.33 20.95
C PRO A 28 6.42 -20.74 20.85
N PHE A 29 6.20 -22.02 20.54
CA PHE A 29 4.85 -22.51 20.27
C PHE A 29 3.90 -22.31 21.44
N SER A 30 4.42 -22.23 22.67
CA SER A 30 3.55 -22.10 23.83
C SER A 30 2.85 -20.75 23.87
N THR A 31 3.51 -19.69 23.40
CA THR A 31 2.98 -18.33 23.46
C THR A 31 2.49 -17.84 22.10
N ARG A 32 1.88 -18.72 21.30
CA ARG A 32 1.41 -18.36 19.98
C ARG A 32 -0.03 -18.82 19.80
N THR A 33 -0.75 -18.12 18.92
CA THR A 33 -2.13 -18.44 18.58
C THR A 33 -2.16 -19.12 17.23
N MET A 34 -2.79 -20.29 17.17
CA MET A 34 -2.82 -21.12 15.98
C MET A 34 -4.22 -21.17 15.39
N ALA A 35 -4.31 -21.11 14.06
CA ALA A 35 -5.58 -21.12 13.36
C ALA A 35 -5.52 -22.11 12.21
N TRP A 36 -6.63 -22.82 11.98
CA TRP A 36 -6.75 -23.73 10.85
C TRP A 36 -7.56 -23.08 9.74
N TYR A 37 -7.17 -23.34 8.50
CA TYR A 37 -7.84 -22.77 7.34
C TYR A 37 -8.00 -23.85 6.28
N ARG A 38 -9.00 -23.65 5.41
CA ARG A 38 -9.24 -24.54 4.29
C ARG A 38 -9.41 -23.70 3.02
N GLN A 39 -8.89 -24.21 1.90
CA GLN A 39 -8.95 -23.53 0.61
C GLN A 39 -9.58 -24.46 -0.41
N PRO A 40 -10.91 -24.42 -0.59
CA PRO A 40 -11.52 -25.19 -1.67
C PRO A 40 -11.03 -24.68 -3.02
N PRO A 41 -10.91 -25.57 -4.01
CA PRO A 41 -10.41 -25.15 -5.32
C PRO A 41 -11.27 -24.05 -5.93
N GLY A 42 -10.61 -23.05 -6.49
CA GLY A 42 -11.29 -21.94 -7.14
C GLY A 42 -11.89 -20.92 -6.21
N ASN A 43 -11.70 -21.04 -4.90
CA ASN A 43 -12.29 -20.14 -3.93
C ASN A 43 -11.18 -19.53 -3.06
N GLU A 44 -11.59 -18.75 -2.06
CA GLU A 44 -10.68 -18.10 -1.13
C GLU A 44 -10.49 -18.96 0.12
N ARG A 45 -9.44 -18.63 0.87
CA ARG A 45 -9.16 -19.35 2.11
C ARG A 45 -10.27 -19.11 3.12
N ASP A 46 -10.70 -20.18 3.78
CA ASP A 46 -11.82 -20.15 4.71
C ASP A 46 -11.35 -20.56 6.10
N TRP A 47 -11.81 -19.81 7.11
CA TRP A 47 -11.43 -20.10 8.49
C TRP A 47 -12.12 -21.37 8.98
N VAL A 48 -11.41 -22.12 9.83
CA VAL A 48 -11.94 -23.36 10.38
C VAL A 48 -12.04 -23.26 11.91
N ALA A 49 -10.91 -23.07 12.57
CA ALA A 49 -10.89 -23.03 14.03
C ALA A 49 -9.64 -22.28 14.49
N THR A 50 -9.69 -21.82 15.73
CA THR A 50 -8.59 -21.08 16.34
C THR A 50 -8.52 -21.41 17.82
N ILE A 51 -7.31 -21.64 18.32
CA ILE A 51 -7.08 -21.95 19.73
C ILE A 51 -5.80 -21.25 20.19
N ARG A 52 -5.86 -20.68 21.39
CA ARG A 52 -4.65 -20.14 22.02
C ARG A 52 -4.29 -20.87 23.31
N SER A 53 -5.18 -20.88 24.30
CA SER A 53 -4.87 -21.53 25.57
C SER A 53 -6.01 -22.32 26.19
N GLY A 54 -7.26 -22.15 25.74
CA GLY A 54 -8.37 -22.83 26.37
C GLY A 54 -9.34 -23.44 25.37
N ALA A 55 -10.61 -23.11 25.51
CA ALA A 55 -11.62 -23.63 24.61
C ALA A 55 -11.47 -22.98 23.23
N PRO A 56 -11.25 -23.76 22.18
CA PRO A 56 -11.10 -23.15 20.84
C PRO A 56 -12.43 -22.66 20.30
N VAL A 57 -12.34 -21.78 19.31
CA VAL A 57 -13.50 -21.22 18.64
C VAL A 57 -13.60 -21.85 17.26
N TYR A 58 -14.77 -22.39 16.94
CA TYR A 58 -15.00 -23.09 15.69
C TYR A 58 -15.92 -22.30 14.78
N ALA A 59 -15.78 -22.53 13.48
CA ALA A 59 -16.70 -21.94 12.51
C ALA A 59 -18.06 -22.61 12.60
N ASP A 60 -19.08 -21.92 12.11
CA ASP A 60 -20.44 -22.44 12.19
C ASP A 60 -20.63 -23.67 11.31
N SER A 61 -19.84 -23.80 10.24
CA SER A 61 -19.99 -24.94 9.34
C SER A 61 -19.43 -26.23 9.97
N VAL A 62 -18.31 -26.13 10.68
CA VAL A 62 -17.63 -27.30 11.22
C VAL A 62 -17.89 -27.49 12.71
N LYS A 63 -18.73 -26.66 13.32
CA LYS A 63 -19.00 -26.78 14.75
C LYS A 63 -19.74 -28.08 15.05
N GLY A 64 -19.24 -28.81 16.05
CA GLY A 64 -19.83 -30.07 16.46
C GLY A 64 -19.23 -31.29 15.81
N ARG A 65 -18.52 -31.13 14.70
CA ARG A 65 -17.88 -32.26 14.01
C ARG A 65 -16.37 -32.25 14.13
N PHE A 66 -15.76 -31.08 14.26
CA PHE A 66 -14.31 -30.97 14.36
C PHE A 66 -13.90 -30.66 15.80
N THR A 67 -12.75 -31.19 16.19
CA THR A 67 -12.15 -30.89 17.49
C THR A 67 -10.70 -30.51 17.28
N VAL A 68 -10.27 -29.44 17.93
CA VAL A 68 -8.92 -28.89 17.77
C VAL A 68 -8.22 -28.93 19.11
N SER A 69 -7.03 -29.52 19.15
CA SER A 69 -6.24 -29.61 20.35
C SER A 69 -4.78 -29.35 20.01
N ARG A 70 -4.00 -28.98 21.02
CA ARG A 70 -2.59 -28.67 20.85
C ARG A 70 -1.77 -29.35 21.93
N ASP A 71 -0.50 -29.61 21.61
CA ASP A 71 0.46 -30.18 22.55
C ASP A 71 1.67 -29.27 22.58
N ASN A 72 1.82 -28.51 23.67
CA ASN A 72 2.91 -27.54 23.76
C ASN A 72 4.26 -28.22 23.88
N ALA A 73 4.33 -29.35 24.59
CA ALA A 73 5.60 -30.05 24.75
C ALA A 73 6.14 -30.55 23.41
N LYS A 74 5.26 -31.09 22.56
CA LYS A 74 5.67 -31.60 21.27
C LYS A 74 5.68 -30.53 20.18
N ASN A 75 5.27 -29.30 20.51
CA ASN A 75 5.23 -28.20 19.55
C ASN A 75 4.36 -28.57 18.34
N THR A 76 3.24 -29.21 18.60
CA THR A 76 2.36 -29.70 17.54
C THR A 76 0.93 -29.25 17.79
N LEU A 77 0.20 -29.05 16.70
CA LEU A 77 -1.20 -28.66 16.74
C LEU A 77 -2.00 -29.68 15.93
N TYR A 78 -3.09 -30.17 16.52
CA TYR A 78 -3.89 -31.23 15.92
C TYR A 78 -5.19 -30.67 15.36
N LEU A 79 -5.81 -31.47 14.48
CA LEU A 79 -7.13 -31.16 13.94
C LEU A 79 -7.82 -32.48 13.66
N GLN A 80 -8.73 -32.89 14.54
CA GLN A 80 -9.44 -34.15 14.42
C GLN A 80 -10.71 -33.93 13.62
N MET A 81 -10.89 -34.74 12.57
CA MET A 81 -12.02 -34.60 11.65
C MET A 81 -12.92 -35.82 11.78
N ASN A 82 -14.22 -35.59 11.91
CA ASN A 82 -15.20 -36.66 12.01
C ASN A 82 -16.43 -36.30 11.20
N SER A 83 -17.14 -37.33 10.75
CA SER A 83 -18.36 -37.17 9.95
C SER A 83 -18.10 -36.30 8.72
N LEU A 84 -17.07 -36.66 7.97
CA LEU A 84 -16.66 -35.86 6.82
C LEU A 84 -17.73 -35.86 5.74
N GLU A 85 -17.77 -34.79 4.97
CA GLU A 85 -18.77 -34.53 3.96
C GLU A 85 -18.09 -34.23 2.64
N PRO A 86 -18.80 -34.43 1.51
CA PRO A 86 -18.18 -34.14 0.20
C PRO A 86 -17.81 -32.67 0.02
N GLU A 87 -18.39 -31.77 0.82
CA GLU A 87 -18.05 -30.36 0.74
C GLU A 87 -16.83 -30.00 1.56
N ASP A 88 -16.21 -30.97 2.25
CA ASP A 88 -15.05 -30.73 3.10
C ASP A 88 -13.73 -30.90 2.37
N THR A 89 -13.75 -31.18 1.06
CA THR A 89 -12.51 -31.36 0.31
C THR A 89 -11.87 -30.00 0.04
N ALA A 90 -10.68 -29.79 0.59
CA ALA A 90 -9.97 -28.53 0.43
C ALA A 90 -8.53 -28.72 0.89
N THR A 91 -7.68 -27.76 0.56
CA THR A 91 -6.32 -27.74 1.06
C THR A 91 -6.30 -27.05 2.42
N TYR A 92 -5.82 -27.76 3.44
CA TYR A 92 -5.86 -27.28 4.81
C TYR A 92 -4.52 -26.64 5.18
N TYR A 93 -4.57 -25.45 5.75
CA TYR A 93 -3.39 -24.66 6.05
C TYR A 93 -3.24 -24.45 7.56
N CYS A 94 -1.99 -24.33 7.99
CA CYS A 94 -1.66 -24.01 9.37
C CYS A 94 -1.12 -22.59 9.43
N TRP A 95 -1.73 -21.77 10.28
CA TRP A 95 -1.38 -20.35 10.38
C TRP A 95 -0.97 -20.01 11.81
N ASP A 96 0.10 -19.23 11.93
CA ASP A 96 0.51 -18.64 13.20
C ASP A 96 0.02 -17.19 13.21
N VAL A 97 -0.97 -16.91 14.06
CA VAL A 97 -1.64 -15.62 14.04
C VAL A 97 -0.69 -14.51 14.48
N ASN A 98 0.01 -14.72 15.59
CA ASN A 98 0.87 -13.67 16.13
C ASN A 98 2.05 -13.38 15.21
N GLY A 99 2.77 -14.42 14.79
CA GLY A 99 3.95 -14.24 13.96
C GLY A 99 3.68 -14.08 12.48
N ASP A 100 2.44 -14.31 12.04
CA ASP A 100 2.07 -14.22 10.63
C ASP A 100 2.92 -15.17 9.79
N ILE A 101 2.84 -16.46 10.14
CA ILE A 101 3.57 -17.52 9.45
C ILE A 101 2.54 -18.51 8.92
N TRP A 102 2.57 -18.75 7.62
CA TRP A 102 1.65 -19.66 6.97
C TRP A 102 2.32 -21.00 6.66
N GLY A 103 1.56 -22.08 6.79
CA GLY A 103 2.06 -23.39 6.43
C GLY A 103 1.95 -23.65 4.94
N GLN A 104 2.58 -24.74 4.51
CA GLN A 104 2.56 -25.08 3.09
C GLN A 104 1.22 -25.69 2.66
N GLY A 105 0.53 -26.35 3.58
CA GLY A 105 -0.78 -26.89 3.27
C GLY A 105 -0.75 -28.38 2.96
N THR A 106 -1.86 -29.05 3.24
CA THR A 106 -2.04 -30.46 2.94
C THR A 106 -3.37 -30.67 2.25
N LEU A 107 -3.42 -31.65 1.36
CA LEU A 107 -4.61 -31.92 0.55
C LEU A 107 -5.47 -32.97 1.23
N VAL A 108 -6.76 -32.68 1.34
CA VAL A 108 -7.74 -33.61 1.91
C VAL A 108 -8.87 -33.76 0.90
N THR A 109 -9.12 -35.00 0.47
CA THR A 109 -10.19 -35.30 -0.48
C THR A 109 -11.14 -36.29 0.14
N VAL A 110 -12.45 -35.97 0.09
CA VAL A 110 -13.46 -36.83 0.66
C VAL A 110 -14.22 -37.56 -0.44
N VAL B 2 11.48 22.59 -12.50
CA VAL B 2 12.34 21.53 -12.00
C VAL B 2 13.52 22.13 -11.24
N GLN B 3 13.68 21.72 -9.97
CA GLN B 3 14.74 22.22 -9.12
C GLN B 3 15.39 21.07 -8.38
N LEU B 4 16.71 21.12 -8.26
CA LEU B 4 17.51 20.05 -7.66
C LEU B 4 18.25 20.59 -6.44
N VAL B 5 18.24 19.82 -5.36
CA VAL B 5 18.87 20.21 -4.10
C VAL B 5 19.66 19.03 -3.56
N GLU B 6 20.92 19.28 -3.18
CA GLU B 6 21.78 18.26 -2.59
C GLU B 6 21.89 18.46 -1.09
N SER B 7 21.92 17.36 -0.35
CA SER B 7 21.96 17.39 1.11
C SER B 7 22.93 16.34 1.64
N GLY B 8 24.11 16.25 1.03
CA GLY B 8 25.03 15.18 1.37
C GLY B 8 26.40 15.55 1.88
N GLY B 9 26.85 16.77 1.59
CA GLY B 9 28.24 17.14 1.83
C GLY B 9 28.61 17.21 3.30
N GLY B 10 29.92 17.25 3.53
CA GLY B 10 30.44 17.32 4.88
C GLY B 10 31.96 17.15 4.87
N VAL B 11 32.51 16.99 6.07
CA VAL B 11 33.94 16.78 6.26
C VAL B 11 34.14 15.41 6.90
N VAL B 12 35.03 14.61 6.30
CA VAL B 12 35.27 13.23 6.73
C VAL B 12 36.76 12.99 6.82
N GLN B 13 37.16 12.16 7.78
CA GLN B 13 38.54 11.70 7.85
C GLN B 13 38.83 10.72 6.72
N PRO B 14 40.10 10.60 6.31
CA PRO B 14 40.43 9.63 5.27
C PRO B 14 40.08 8.21 5.69
N GLY B 15 39.59 7.43 4.73
CA GLY B 15 39.12 6.09 5.00
C GLY B 15 37.71 6.01 5.52
N GLY B 16 37.02 7.14 5.68
CA GLY B 16 35.66 7.15 6.17
C GLY B 16 34.65 6.92 5.07
N SER B 17 33.38 7.09 5.43
CA SER B 17 32.26 6.87 4.52
C SER B 17 31.37 8.10 4.50
N LEU B 18 30.68 8.28 3.38
CA LEU B 18 29.76 9.40 3.21
C LEU B 18 28.72 9.02 2.17
N ARG B 19 27.53 9.62 2.30
CA ARG B 19 26.42 9.35 1.40
C ARG B 19 25.80 10.67 0.97
N LEU B 20 25.62 10.83 -0.34
CA LEU B 20 25.03 12.04 -0.90
C LEU B 20 23.67 11.73 -1.51
N SER B 21 22.74 12.68 -1.38
CA SER B 21 21.41 12.55 -1.95
C SER B 21 21.03 13.84 -2.65
N CYS B 22 20.17 13.72 -3.66
CA CYS B 22 19.71 14.88 -4.43
C CYS B 22 18.31 14.57 -4.95
N ALA B 23 17.31 15.22 -4.37
CA ALA B 23 15.92 15.06 -4.79
C ALA B 23 15.51 16.20 -5.72
N ALA B 24 14.46 15.93 -6.49
CA ALA B 24 13.94 16.89 -7.46
C ALA B 24 12.47 17.18 -7.18
N SER B 25 12.03 18.34 -7.64
CA SER B 25 10.65 18.78 -7.47
C SER B 25 10.19 19.48 -8.74
N GLY B 26 8.88 19.46 -8.97
CA GLY B 26 8.29 20.14 -10.10
C GLY B 26 8.06 19.29 -11.33
N SER B 27 8.17 17.97 -11.22
CA SER B 27 7.97 17.07 -12.34
C SER B 27 6.89 16.04 -12.01
N ILE B 28 6.05 15.75 -13.00
CA ILE B 28 5.03 14.72 -12.89
C ILE B 28 5.23 13.61 -13.92
N PHE B 29 6.40 13.54 -14.54
CA PHE B 29 6.68 12.58 -15.58
C PHE B 29 7.91 11.72 -15.34
N GLY B 30 8.74 12.04 -14.36
CA GLY B 30 9.98 11.33 -14.14
C GLY B 30 11.16 12.02 -14.78
N PHE B 31 12.27 11.29 -14.84
CA PHE B 31 13.51 11.80 -15.42
C PHE B 31 14.15 10.73 -16.29
N ASN B 32 14.91 11.17 -17.28
CA ASN B 32 15.55 10.24 -18.21
C ASN B 32 16.69 9.49 -17.53
N ASP B 33 17.69 10.23 -17.04
CA ASP B 33 18.81 9.61 -16.35
C ASP B 33 19.33 10.56 -15.28
N MET B 34 20.05 9.99 -14.32
CA MET B 34 20.57 10.72 -13.17
C MET B 34 22.07 10.47 -13.06
N ALA B 35 22.82 11.51 -12.72
CA ALA B 35 24.27 11.45 -12.71
C ALA B 35 24.82 12.25 -11.55
N TRP B 36 26.09 12.01 -11.25
CA TRP B 36 26.84 12.75 -10.24
C TRP B 36 28.13 13.25 -10.87
N TYR B 37 28.39 14.56 -10.73
CA TYR B 37 29.62 15.17 -11.21
C TYR B 37 30.38 15.75 -10.02
N ARG B 38 31.70 15.87 -10.19
CA ARG B 38 32.54 16.46 -9.16
C ARG B 38 33.55 17.40 -9.80
N GLN B 39 33.96 18.40 -9.04
CA GLN B 39 34.88 19.44 -9.52
C GLN B 39 35.98 19.63 -8.48
N ALA B 40 37.17 19.13 -8.80
CA ALA B 40 38.33 19.38 -7.97
C ALA B 40 38.81 20.81 -8.16
N PRO B 41 39.52 21.37 -7.18
CA PRO B 41 39.96 22.77 -7.27
C PRO B 41 40.78 23.04 -8.53
N GLY B 42 40.27 23.94 -9.37
CA GLY B 42 40.96 24.37 -10.56
C GLY B 42 40.64 23.60 -11.82
N LYS B 43 39.91 22.50 -11.73
CA LYS B 43 39.60 21.67 -12.88
C LYS B 43 38.12 21.77 -13.24
N GLN B 44 37.82 21.16 -14.38
CA GLN B 44 36.51 21.27 -14.99
C GLN B 44 35.49 20.37 -14.29
N ARG B 45 34.29 20.00 -14.58
CA ARG B 45 33.33 19.07 -13.97
C ARG B 45 33.40 17.75 -14.72
N GLU B 46 33.66 16.67 -13.99
CA GLU B 46 33.82 15.35 -14.58
C GLU B 46 32.78 14.40 -14.02
N LEU B 47 32.32 13.48 -14.87
CA LEU B 47 31.29 12.52 -14.47
C LEU B 47 31.86 11.52 -13.46
N VAL B 48 31.14 11.29 -12.38
CA VAL B 48 31.51 10.33 -11.36
C VAL B 48 30.74 9.02 -11.53
N ALA B 49 29.42 9.11 -11.66
CA ALA B 49 28.59 7.93 -11.84
C ALA B 49 27.32 8.33 -12.57
N LEU B 50 26.87 7.46 -13.48
CA LEU B 50 25.65 7.69 -14.25
C LEU B 50 24.77 6.45 -14.18
N ILE B 51 23.47 6.65 -14.00
CA ILE B 51 22.50 5.57 -13.94
C ILE B 51 21.39 5.86 -14.94
N SER B 52 21.01 4.84 -15.70
CA SER B 52 19.93 4.97 -16.67
C SER B 52 18.57 4.81 -15.99
N ARG B 53 17.51 5.07 -16.75
CA ARG B 53 16.17 4.88 -16.22
C ARG B 53 15.84 3.40 -16.01
N VAL B 54 16.39 2.52 -16.85
CA VAL B 54 16.18 1.09 -16.67
C VAL B 54 16.91 0.60 -15.43
N GLY B 55 18.12 1.11 -15.18
CA GLY B 55 18.88 0.71 -14.02
C GLY B 55 20.33 0.40 -14.32
N VAL B 56 20.77 0.67 -15.55
CA VAL B 56 22.16 0.44 -15.92
C VAL B 56 23.04 1.48 -15.26
N THR B 57 24.09 1.01 -14.58
CA THR B 57 24.95 1.86 -13.76
C THR B 57 26.35 1.95 -14.37
N SER B 58 26.87 3.17 -14.44
CA SER B 58 28.22 3.43 -14.90
C SER B 58 28.97 4.23 -13.84
N SER B 59 30.30 4.14 -13.90
CA SER B 59 31.14 4.81 -12.91
C SER B 59 32.47 5.19 -13.53
N ALA B 60 33.14 6.15 -12.91
CA ALA B 60 34.44 6.60 -13.38
C ALA B 60 35.53 5.62 -12.93
N ASP B 61 36.60 5.55 -13.74
CA ASP B 61 37.66 4.56 -13.50
C ASP B 61 38.38 4.79 -12.19
N SER B 62 38.36 6.01 -11.65
CA SER B 62 39.10 6.33 -10.43
C SER B 62 38.30 6.09 -9.17
N VAL B 63 37.04 5.67 -9.28
CA VAL B 63 36.19 5.46 -8.11
C VAL B 63 35.53 4.09 -8.16
N LYS B 64 35.94 3.27 -9.13
CA LYS B 64 35.36 1.94 -9.27
C LYS B 64 35.65 1.10 -8.04
N GLY B 65 34.63 0.42 -7.53
CA GLY B 65 34.75 -0.38 -6.33
C GLY B 65 34.53 0.37 -5.04
N ARG B 66 34.37 1.70 -5.10
CA ARG B 66 34.15 2.52 -3.93
C ARG B 66 32.91 3.38 -4.00
N PHE B 67 32.51 3.83 -5.19
CA PHE B 67 31.36 4.71 -5.38
C PHE B 67 30.22 3.91 -6.00
N THR B 68 29.03 4.00 -5.40
CA THR B 68 27.85 3.32 -5.90
C THR B 68 26.72 4.32 -6.04
N ILE B 69 25.99 4.24 -7.15
CA ILE B 69 24.90 5.16 -7.46
C ILE B 69 23.60 4.37 -7.56
N SER B 70 22.54 4.92 -6.97
CA SER B 70 21.21 4.32 -7.03
C SER B 70 20.18 5.42 -7.12
N ARG B 71 19.01 5.09 -7.66
CA ARG B 71 17.94 6.05 -7.85
C ARG B 71 16.61 5.45 -7.40
N VAL B 72 15.70 6.32 -7.00
CA VAL B 72 14.32 5.96 -6.68
C VAL B 72 13.42 6.79 -7.57
N ASN B 73 12.69 6.11 -8.46
CA ASN B 73 11.84 6.82 -9.42
C ASN B 73 10.61 7.42 -8.74
N ALA B 74 10.14 6.80 -7.65
CA ALA B 74 8.96 7.32 -6.96
C ALA B 74 9.22 8.69 -6.37
N LYS B 75 10.40 8.90 -5.80
CA LYS B 75 10.75 10.17 -5.17
C LYS B 75 11.62 11.07 -6.05
N ASP B 76 12.07 10.57 -7.20
CA ASP B 76 12.98 11.31 -8.09
C ASP B 76 14.23 11.76 -7.33
N THR B 77 14.95 10.78 -6.80
CA THR B 77 16.11 11.03 -5.96
C THR B 77 17.29 10.21 -6.45
N VAL B 78 18.49 10.79 -6.32
CA VAL B 78 19.73 10.09 -6.62
C VAL B 78 20.47 9.86 -5.32
N TYR B 79 21.31 8.83 -5.32
CA TYR B 79 22.14 8.52 -4.16
C TYR B 79 23.54 8.18 -4.62
N LEU B 80 24.51 8.46 -3.73
CA LEU B 80 25.91 8.17 -4.01
C LEU B 80 26.57 7.78 -2.71
N GLN B 81 26.80 6.48 -2.53
CA GLN B 81 27.48 5.97 -1.33
C GLN B 81 28.98 5.95 -1.57
N MET B 82 29.72 6.65 -0.72
CA MET B 82 31.16 6.79 -0.86
C MET B 82 31.83 6.04 0.29
N ASN B 83 32.69 5.09 -0.05
CA ASN B 83 33.39 4.27 0.94
C ASN B 83 34.89 4.37 0.73
N SER B 84 35.64 4.38 1.83
CA SER B 84 37.10 4.49 1.81
C SER B 84 37.53 5.74 1.03
N LEU B 85 37.11 6.89 1.55
CA LEU B 85 37.37 8.16 0.89
C LEU B 85 38.84 8.55 1.03
N ARG B 86 39.44 8.95 -0.08
CA ARG B 86 40.84 9.32 -0.20
C ARG B 86 41.00 10.83 -0.22
N PRO B 87 42.20 11.33 0.07
CA PRO B 87 42.41 12.80 0.04
C PRO B 87 42.16 13.43 -1.33
N GLU B 88 42.32 12.68 -2.43
CA GLU B 88 42.02 13.25 -3.74
C GLU B 88 40.54 13.22 -4.08
N ASP B 89 39.68 12.80 -3.16
CA ASP B 89 38.25 12.84 -3.36
C ASP B 89 37.63 14.19 -3.00
N THR B 90 38.45 15.14 -2.55
CA THR B 90 37.95 16.47 -2.21
C THR B 90 37.58 17.22 -3.49
N ALA B 91 36.31 17.62 -3.59
CA ALA B 91 35.79 18.27 -4.78
C ALA B 91 34.42 18.84 -4.45
N LEU B 92 33.79 19.44 -5.46
CA LEU B 92 32.42 19.94 -5.37
C LEU B 92 31.52 19.01 -6.16
N TYR B 93 30.59 18.34 -5.46
CA TYR B 93 29.76 17.30 -6.07
C TYR B 93 28.43 17.89 -6.50
N TYR B 94 28.13 17.77 -7.79
CA TYR B 94 26.89 18.28 -8.37
C TYR B 94 26.05 17.13 -8.88
N CYS B 95 24.79 17.10 -8.48
CA CYS B 95 23.86 16.10 -9.01
C CYS B 95 23.27 16.59 -10.33
N TYR B 96 22.96 15.64 -11.21
CA TYR B 96 22.54 15.95 -12.57
C TYR B 96 21.32 15.12 -12.93
N MET B 97 20.37 15.74 -13.62
CA MET B 97 19.16 15.06 -14.08
C MET B 97 18.90 15.44 -15.53
N ASP B 98 18.17 14.56 -16.22
CA ASP B 98 17.91 14.72 -17.64
C ASP B 98 16.44 14.44 -17.93
N GLN B 99 15.95 15.01 -19.02
CA GLN B 99 14.58 14.80 -19.47
C GLN B 99 14.53 14.92 -20.99
N ARG B 100 14.02 13.89 -21.65
CA ARG B 100 13.82 13.92 -23.10
C ARG B 100 12.44 14.50 -23.37
N LEU B 101 12.41 15.68 -23.99
CA LEU B 101 11.15 16.38 -24.27
C LEU B 101 11.18 16.92 -25.68
N ASP B 102 10.20 16.51 -26.50
CA ASP B 102 10.05 16.98 -27.88
C ASP B 102 11.31 16.73 -28.70
N GLY B 103 11.93 15.58 -28.49
CA GLY B 103 13.11 15.19 -29.24
C GLY B 103 14.42 15.76 -28.75
N SER B 104 14.40 16.57 -27.69
CA SER B 104 15.61 17.17 -27.14
C SER B 104 15.73 16.82 -25.66
N THR B 105 16.96 16.92 -25.16
CA THR B 105 17.27 16.62 -23.77
C THR B 105 17.50 17.92 -23.01
N LEU B 106 16.81 18.08 -21.89
CA LEU B 106 16.94 19.25 -21.03
C LEU B 106 17.73 18.87 -19.79
N ALA B 107 18.80 19.62 -19.52
CA ALA B 107 19.69 19.33 -18.40
C ALA B 107 19.32 20.19 -17.20
N TYR B 108 19.41 19.60 -16.01
CA TYR B 108 19.15 20.30 -14.76
C TYR B 108 20.31 20.04 -13.82
N TRP B 109 20.81 21.11 -13.21
CA TRP B 109 21.97 21.04 -12.33
C TRP B 109 21.59 21.45 -10.92
N GLY B 110 22.31 20.91 -9.94
CA GLY B 110 22.18 21.32 -8.57
C GLY B 110 23.08 22.50 -8.25
N GLN B 111 23.06 22.90 -6.98
CA GLN B 111 23.91 23.98 -6.51
C GLN B 111 25.27 23.49 -6.05
N GLY B 112 25.45 22.20 -5.85
CA GLY B 112 26.72 21.64 -5.47
C GLY B 112 26.83 21.42 -3.98
N THR B 113 27.63 20.42 -3.60
CA THR B 113 27.91 20.14 -2.20
C THR B 113 29.40 19.92 -2.05
N LEU B 114 29.94 20.33 -0.90
CA LEU B 114 31.38 20.30 -0.66
C LEU B 114 31.74 19.12 0.23
N VAL B 115 32.65 18.29 -0.24
CA VAL B 115 33.17 17.15 0.51
C VAL B 115 34.68 17.30 0.60
N THR B 116 35.19 17.46 1.82
CA THR B 116 36.61 17.59 2.06
C THR B 116 37.09 16.40 2.89
N VAL B 117 38.15 15.74 2.42
CA VAL B 117 38.71 14.58 3.09
C VAL B 117 40.01 15.00 3.76
N SER B 118 40.03 14.96 5.09
CA SER B 118 41.20 15.36 5.86
C SER B 118 41.13 14.82 7.28
N GLN C 2 -16.60 10.64 -2.82
CA GLN C 2 -16.10 10.70 -4.19
C GLN C 2 -14.59 10.48 -4.21
N VAL C 3 -13.92 10.79 -3.10
CA VAL C 3 -12.47 10.65 -2.97
C VAL C 3 -12.20 9.68 -1.83
N CYS C 4 -11.39 8.65 -2.11
CA CYS C 4 -11.05 7.63 -1.13
C CYS C 4 -9.55 7.37 -1.17
N THR C 5 -9.07 6.73 -0.12
CA THR C 5 -7.65 6.41 0.04
C THR C 5 -7.40 4.94 -0.27
N GLY C 6 -6.36 4.68 -1.07
CA GLY C 6 -6.02 3.33 -1.46
C GLY C 6 -5.33 2.56 -0.35
N THR C 7 -4.57 1.55 -0.75
CA THR C 7 -3.87 0.66 0.17
C THR C 7 -2.44 0.44 -0.31
N ASP C 8 -1.61 -0.10 0.59
CA ASP C 8 -0.24 -0.48 0.27
C ASP C 8 0.04 -1.84 0.89
N MET C 9 -0.27 -2.90 0.14
CA MET C 9 -0.06 -4.27 0.56
C MET C 9 0.49 -5.12 -0.59
N LYS C 10 1.46 -4.57 -1.32
CA LYS C 10 1.98 -5.13 -2.55
C LYS C 10 2.30 -6.63 -2.46
N LEU C 11 1.56 -7.43 -3.23
CA LEU C 11 1.76 -8.87 -3.37
C LEU C 11 1.64 -9.62 -2.05
N ARG C 12 1.18 -8.97 -0.99
CA ARG C 12 1.08 -9.60 0.33
C ARG C 12 -0.27 -10.28 0.49
N LEU C 13 -0.28 -11.36 1.28
CA LEU C 13 -1.52 -12.04 1.59
C LEU C 13 -2.41 -11.13 2.44
N PRO C 14 -3.74 -11.26 2.29
CA PRO C 14 -4.64 -10.42 3.09
C PRO C 14 -4.47 -10.66 4.58
N ALA C 15 -4.61 -9.58 5.36
CA ALA C 15 -4.50 -9.70 6.80
C ALA C 15 -5.60 -10.61 7.37
N SER C 16 -6.82 -10.44 6.87
CA SER C 16 -7.93 -11.32 7.23
C SER C 16 -8.52 -11.87 5.94
N PRO C 17 -8.30 -13.15 5.63
CA PRO C 17 -8.81 -13.69 4.36
C PRO C 17 -10.32 -13.62 4.21
N GLU C 18 -11.07 -13.73 5.31
CA GLU C 18 -12.52 -13.78 5.23
C GLU C 18 -13.16 -12.40 5.11
N THR C 19 -12.42 -11.33 5.38
CA THR C 19 -12.96 -9.98 5.30
C THR C 19 -12.28 -9.12 4.24
N HIS C 20 -11.48 -9.74 3.36
CA HIS C 20 -10.77 -8.96 2.33
C HIS C 20 -11.75 -8.29 1.38
N LEU C 21 -12.74 -9.05 0.88
CA LEU C 21 -13.71 -8.48 -0.05
C LEU C 21 -14.56 -7.42 0.65
N ASP C 22 -14.94 -7.66 1.90
CA ASP C 22 -15.71 -6.67 2.64
C ASP C 22 -14.93 -5.38 2.84
N MET C 23 -13.64 -5.49 3.16
CA MET C 23 -12.82 -4.28 3.32
C MET C 23 -12.65 -3.56 1.99
N LEU C 24 -12.48 -4.30 0.89
CA LEU C 24 -12.41 -3.67 -0.42
C LEU C 24 -13.71 -2.91 -0.73
N ARG C 25 -14.85 -3.54 -0.47
CA ARG C 25 -16.14 -2.89 -0.74
C ARG C 25 -16.33 -1.66 0.14
N HIS C 26 -15.94 -1.74 1.41
CA HIS C 26 -16.07 -0.59 2.30
C HIS C 26 -15.16 0.55 1.86
N LEU C 27 -13.97 0.23 1.36
CA LEU C 27 -13.03 1.28 0.96
C LEU C 27 -13.40 1.92 -0.38
N TYR C 28 -13.95 1.15 -1.32
CA TYR C 28 -14.13 1.64 -2.68
C TYR C 28 -15.60 1.78 -3.09
N GLN C 29 -16.53 1.77 -2.15
CA GLN C 29 -17.94 1.94 -2.50
C GLN C 29 -18.24 3.40 -2.80
N GLY C 30 -18.72 3.67 -4.01
CA GLY C 30 -19.07 5.03 -4.40
C GLY C 30 -17.90 5.99 -4.44
N CYS C 31 -16.75 5.55 -4.97
CA CYS C 31 -15.56 6.37 -5.05
C CYS C 31 -15.21 6.64 -6.51
N GLN C 32 -14.86 7.89 -6.81
CA GLN C 32 -14.49 8.29 -8.15
C GLN C 32 -12.98 8.48 -8.33
N VAL C 33 -12.31 9.05 -7.33
CA VAL C 33 -10.88 9.32 -7.38
C VAL C 33 -10.22 8.58 -6.24
N VAL C 34 -9.20 7.79 -6.55
CA VAL C 34 -8.45 7.03 -5.55
C VAL C 34 -7.16 7.79 -5.27
N GLN C 35 -6.98 8.18 -4.00
CA GLN C 35 -5.79 8.89 -3.56
C GLN C 35 -4.80 7.87 -3.00
N GLY C 36 -4.18 7.14 -3.91
CA GLY C 36 -3.27 6.07 -3.55
C GLY C 36 -3.22 5.03 -4.65
N ASN C 37 -2.97 3.78 -4.24
CA ASN C 37 -2.81 2.68 -5.16
C ASN C 37 -4.04 1.78 -5.14
N LEU C 38 -4.50 1.38 -6.32
CA LEU C 38 -5.61 0.44 -6.45
C LEU C 38 -5.03 -0.97 -6.48
N GLU C 39 -5.24 -1.71 -5.40
CA GLU C 39 -4.69 -3.06 -5.24
C GLU C 39 -5.84 -4.05 -5.12
N LEU C 40 -6.17 -4.71 -6.22
CA LEU C 40 -7.21 -5.75 -6.25
C LEU C 40 -6.51 -7.09 -6.32
N THR C 41 -6.41 -7.77 -5.16
CA THR C 41 -5.67 -9.01 -5.06
C THR C 41 -6.49 -10.05 -4.32
N TYR C 42 -6.29 -11.32 -4.69
CA TYR C 42 -6.89 -12.47 -4.01
C TYR C 42 -8.42 -12.40 -4.03
N LEU C 43 -8.98 -12.31 -5.23
CA LEU C 43 -10.42 -12.28 -5.44
C LEU C 43 -10.91 -13.63 -5.93
N PRO C 44 -11.92 -14.23 -5.28
CA PRO C 44 -12.37 -15.56 -5.68
C PRO C 44 -13.04 -15.58 -7.05
N THR C 45 -13.43 -16.77 -7.51
CA THR C 45 -13.96 -16.90 -8.87
C THR C 45 -15.27 -16.15 -9.04
N ASN C 46 -16.16 -16.22 -8.07
CA ASN C 46 -17.49 -15.62 -8.15
C ASN C 46 -17.63 -14.37 -7.29
N ALA C 47 -16.55 -13.59 -7.21
CA ALA C 47 -16.57 -12.35 -6.44
C ALA C 47 -17.35 -11.27 -7.18
N SER C 48 -18.20 -10.56 -6.44
CA SER C 48 -18.98 -9.46 -6.99
C SER C 48 -18.21 -8.16 -6.74
N LEU C 49 -17.84 -7.48 -7.82
CA LEU C 49 -17.02 -6.28 -7.75
C LEU C 49 -17.74 -5.09 -8.36
N SER C 50 -19.05 -4.99 -8.13
CA SER C 50 -19.84 -3.90 -8.68
C SER C 50 -19.57 -2.56 -7.99
N PHE C 51 -18.84 -2.56 -6.87
CA PHE C 51 -18.54 -1.32 -6.16
C PHE C 51 -17.40 -0.54 -6.78
N LEU C 52 -16.66 -1.13 -7.71
CA LEU C 52 -15.54 -0.46 -8.37
C LEU C 52 -15.94 0.23 -9.67
N GLN C 53 -17.22 0.21 -10.03
CA GLN C 53 -17.65 0.74 -11.31
C GLN C 53 -17.61 2.27 -11.39
N ASP C 54 -17.47 2.96 -10.25
CA ASP C 54 -17.45 4.41 -10.23
C ASP C 54 -16.04 5.00 -10.21
N ILE C 55 -15.01 4.17 -10.10
CA ILE C 55 -13.64 4.66 -10.04
C ILE C 55 -13.26 5.26 -11.38
N GLN C 56 -12.68 6.45 -11.36
CA GLN C 56 -12.31 7.18 -12.57
C GLN C 56 -10.85 7.56 -12.65
N GLU C 57 -10.20 7.85 -11.52
CA GLU C 57 -8.80 8.25 -11.50
C GLU C 57 -8.08 7.58 -10.34
N VAL C 58 -6.84 7.18 -10.59
CA VAL C 58 -5.98 6.59 -9.57
C VAL C 58 -4.70 7.41 -9.49
N GLN C 59 -4.36 7.86 -8.27
CA GLN C 59 -3.18 8.70 -8.08
C GLN C 59 -1.89 7.87 -8.13
N GLY C 60 -1.91 6.66 -7.57
CA GLY C 60 -0.72 5.85 -7.52
C GLY C 60 -0.60 4.86 -8.66
N TYR C 61 -0.64 3.58 -8.35
CA TYR C 61 -0.55 2.52 -9.35
C TYR C 61 -1.68 1.53 -9.16
N VAL C 62 -1.98 0.80 -10.23
CA VAL C 62 -3.02 -0.23 -10.23
C VAL C 62 -2.33 -1.60 -10.21
N LEU C 63 -2.66 -2.42 -9.22
CA LEU C 63 -2.09 -3.75 -9.06
C LEU C 63 -3.21 -4.77 -9.04
N ILE C 64 -3.22 -5.65 -10.03
CA ILE C 64 -4.20 -6.73 -10.14
C ILE C 64 -3.41 -8.03 -10.17
N ALA C 65 -3.38 -8.75 -9.05
CA ALA C 65 -2.54 -9.92 -8.94
C ALA C 65 -3.22 -11.01 -8.13
N HIS C 66 -2.93 -12.27 -8.47
CA HIS C 66 -3.38 -13.44 -7.71
C HIS C 66 -4.90 -13.49 -7.59
N ASN C 67 -5.58 -13.22 -8.70
CA ASN C 67 -7.04 -13.14 -8.71
C ASN C 67 -7.63 -14.28 -9.52
N GLN C 68 -8.67 -14.91 -8.97
CA GLN C 68 -9.43 -15.93 -9.67
C GLN C 68 -10.67 -15.37 -10.35
N VAL C 69 -10.94 -14.07 -10.21
CA VAL C 69 -12.05 -13.45 -10.93
C VAL C 69 -11.80 -13.57 -12.43
N ARG C 70 -12.88 -13.73 -13.19
CA ARG C 70 -12.76 -13.81 -14.64
C ARG C 70 -12.79 -12.44 -15.30
N GLN C 71 -13.46 -11.46 -14.69
CA GLN C 71 -13.46 -10.08 -15.17
C GLN C 71 -13.38 -9.14 -13.98
N VAL C 72 -12.60 -8.09 -14.13
CA VAL C 72 -12.53 -6.99 -13.17
C VAL C 72 -13.18 -5.77 -13.80
N PRO C 73 -14.32 -5.29 -13.29
CA PRO C 73 -15.07 -4.23 -13.98
C PRO C 73 -14.53 -2.81 -13.72
N LEU C 74 -13.45 -2.48 -14.41
CA LEU C 74 -12.91 -1.13 -14.43
C LEU C 74 -13.03 -0.61 -15.87
N GLN C 75 -14.21 -0.08 -16.19
CA GLN C 75 -14.50 0.43 -17.52
C GLN C 75 -14.73 1.92 -17.54
N ARG C 76 -14.64 2.60 -16.40
CA ARG C 76 -14.74 4.04 -16.32
C ARG C 76 -13.44 4.70 -15.89
N LEU C 77 -12.42 3.92 -15.57
CA LEU C 77 -11.12 4.48 -15.20
C LEU C 77 -10.50 5.19 -16.40
N ARG C 78 -10.04 6.41 -16.19
CA ARG C 78 -9.60 7.29 -17.26
C ARG C 78 -8.11 7.58 -17.26
N ILE C 79 -7.49 7.75 -16.10
CA ILE C 79 -6.10 8.15 -16.03
C ILE C 79 -5.46 7.57 -14.78
N VAL C 80 -4.17 7.22 -14.88
CA VAL C 80 -3.35 6.80 -13.76
C VAL C 80 -2.21 7.80 -13.63
N ARG C 81 -2.16 8.50 -12.50
CA ARG C 81 -1.15 9.54 -12.31
C ARG C 81 0.25 8.94 -12.24
N GLY C 82 0.41 7.82 -11.56
CA GLY C 82 1.73 7.23 -11.41
C GLY C 82 2.58 7.89 -10.36
N THR C 83 1.97 8.51 -9.34
CA THR C 83 2.74 9.10 -8.27
C THR C 83 3.56 8.04 -7.53
N GLN C 84 2.95 6.90 -7.25
CA GLN C 84 3.65 5.73 -6.75
C GLN C 84 3.78 4.70 -7.87
N LEU C 85 4.83 3.89 -7.80
CA LEU C 85 5.11 2.90 -8.83
C LEU C 85 5.34 1.54 -8.18
N PHE C 86 4.85 0.49 -8.85
CA PHE C 86 5.06 -0.87 -8.38
C PHE C 86 6.43 -1.34 -8.83
N GLU C 87 7.26 -1.77 -7.87
CA GLU C 87 8.66 -2.11 -8.11
C GLU C 87 9.43 -0.92 -8.71
N ASP C 88 8.98 0.29 -8.38
CA ASP C 88 9.60 1.55 -8.78
C ASP C 88 9.64 1.76 -10.29
N ASN C 89 8.92 0.96 -11.07
CA ASN C 89 9.02 1.06 -12.53
C ASN C 89 7.66 1.09 -13.22
N TYR C 90 6.64 0.51 -12.61
CA TYR C 90 5.38 0.24 -13.30
C TYR C 90 4.21 0.93 -12.63
N ALA C 91 3.33 1.49 -13.45
CA ALA C 91 2.08 2.07 -12.97
C ALA C 91 0.90 1.10 -13.05
N LEU C 92 0.98 0.13 -13.96
CA LEU C 92 -0.04 -0.92 -14.08
C LEU C 92 0.65 -2.27 -14.01
N ALA C 93 0.13 -3.16 -13.18
CA ALA C 93 0.74 -4.47 -12.95
C ALA C 93 -0.35 -5.54 -12.91
N VAL C 94 -0.25 -6.52 -13.80
CA VAL C 94 -1.19 -7.64 -13.86
C VAL C 94 -0.33 -8.91 -13.82
N LEU C 95 -0.29 -9.57 -12.67
CA LEU C 95 0.64 -10.68 -12.44
C LEU C 95 -0.07 -11.86 -11.81
N ASP C 96 0.23 -13.07 -12.32
CA ASP C 96 -0.10 -14.33 -11.66
C ASP C 96 -1.60 -14.44 -11.35
N ASN C 97 -2.42 -14.13 -12.33
CA ASN C 97 -3.87 -14.19 -12.18
C ASN C 97 -4.37 -15.49 -12.80
N GLY C 98 -4.84 -16.40 -11.96
CA GLY C 98 -5.34 -17.68 -12.43
C GLY C 98 -4.24 -18.67 -12.77
N SER C 111 -14.81 -23.57 -17.11
CA SER C 111 -13.93 -22.42 -17.01
C SER C 111 -12.86 -22.66 -15.93
N PRO C 112 -11.60 -22.76 -16.36
CA PRO C 112 -10.52 -23.02 -15.39
C PRO C 112 -10.38 -21.95 -14.32
N GLY C 113 -10.62 -20.70 -14.65
CA GLY C 113 -10.47 -19.61 -13.71
C GLY C 113 -9.34 -18.66 -14.10
N GLY C 114 -9.38 -17.48 -13.52
CA GLY C 114 -8.46 -16.42 -13.88
C GLY C 114 -9.08 -15.44 -14.86
N LEU C 115 -8.61 -14.20 -14.81
CA LEU C 115 -9.19 -13.16 -15.64
C LEU C 115 -8.91 -13.43 -17.11
N ARG C 116 -9.90 -13.13 -17.96
CA ARG C 116 -9.81 -13.41 -19.39
C ARG C 116 -9.62 -12.16 -20.23
N GLU C 117 -10.15 -11.03 -19.79
CA GLU C 117 -10.00 -9.77 -20.48
C GLU C 117 -9.72 -8.67 -19.46
N LEU C 118 -9.00 -7.63 -19.91
CA LEU C 118 -8.71 -6.50 -19.05
C LEU C 118 -9.89 -5.53 -19.00
N GLN C 119 -10.47 -5.22 -20.17
CA GLN C 119 -11.66 -4.37 -20.28
C GLN C 119 -11.42 -3.00 -19.63
N LEU C 120 -10.46 -2.28 -20.21
CA LEU C 120 -10.10 -0.95 -19.73
C LEU C 120 -10.35 0.06 -20.84
N ARG C 121 -11.53 -0.01 -21.46
CA ARG C 121 -11.84 0.78 -22.65
C ARG C 121 -11.79 2.28 -22.42
N SER C 122 -11.85 2.74 -21.16
CA SER C 122 -11.81 4.16 -20.88
C SER C 122 -10.41 4.69 -20.57
N LEU C 123 -9.49 3.81 -20.16
CA LEU C 123 -8.13 4.25 -19.83
C LEU C 123 -7.45 4.82 -21.06
N THR C 124 -6.91 6.04 -20.93
CA THR C 124 -6.33 6.73 -22.07
C THR C 124 -4.97 7.34 -21.75
N GLU C 125 -4.72 7.68 -20.48
CA GLU C 125 -3.52 8.40 -20.12
C GLU C 125 -2.84 7.77 -18.91
N ILE C 126 -1.53 7.61 -19.00
CA ILE C 126 -0.68 7.24 -17.87
C ILE C 126 0.45 8.27 -17.81
N LEU C 127 0.48 9.05 -16.72
CA LEU C 127 1.42 10.16 -16.64
C LEU C 127 2.85 9.70 -16.38
N LYS C 128 3.03 8.70 -15.52
CA LYS C 128 4.36 8.24 -15.14
C LYS C 128 4.31 6.76 -14.82
N GLY C 129 5.20 5.98 -15.39
CA GLY C 129 5.30 4.56 -15.14
C GLY C 129 5.07 3.73 -16.40
N GLY C 130 5.19 2.43 -16.23
CA GLY C 130 5.01 1.50 -17.34
C GLY C 130 3.94 0.46 -17.09
N VAL C 131 3.95 -0.61 -17.90
CA VAL C 131 2.95 -1.66 -17.81
C VAL C 131 3.67 -3.00 -17.63
N LEU C 132 3.18 -3.80 -16.69
CA LEU C 132 3.74 -5.11 -16.40
C LEU C 132 2.62 -6.15 -16.42
N ILE C 133 2.67 -7.05 -17.39
CA ILE C 133 1.66 -8.09 -17.57
C ILE C 133 2.40 -9.41 -17.72
N GLN C 134 2.42 -10.22 -16.67
CA GLN C 134 3.17 -11.46 -16.65
C GLN C 134 2.32 -12.59 -16.07
N ARG C 135 2.39 -13.76 -16.71
CA ARG C 135 1.86 -15.01 -16.16
C ARG C 135 0.35 -14.94 -15.92
N ASN C 136 -0.39 -14.71 -17.01
CA ASN C 136 -1.85 -14.73 -17.00
C ASN C 136 -2.31 -15.75 -18.02
N PRO C 137 -2.56 -17.00 -17.60
CA PRO C 137 -2.86 -18.06 -18.58
C PRO C 137 -4.10 -17.81 -19.41
N GLN C 138 -5.15 -17.21 -18.84
CA GLN C 138 -6.42 -17.05 -19.51
C GLN C 138 -6.63 -15.67 -20.10
N LEU C 139 -5.68 -14.75 -19.93
CA LEU C 139 -5.83 -13.39 -20.41
C LEU C 139 -5.59 -13.31 -21.91
N CYS C 140 -6.39 -12.47 -22.58
CA CYS C 140 -6.31 -12.27 -24.01
C CYS C 140 -6.36 -10.77 -24.30
N TYR C 141 -5.95 -10.41 -25.52
CA TYR C 141 -5.99 -9.03 -26.02
C TYR C 141 -5.11 -8.11 -25.16
N GLN C 142 -3.84 -8.49 -25.04
CA GLN C 142 -2.83 -7.62 -24.44
C GLN C 142 -1.75 -7.20 -25.41
N ASP C 143 -1.48 -8.02 -26.43
CA ASP C 143 -0.50 -7.69 -27.45
C ASP C 143 -1.06 -6.84 -28.57
N THR C 144 -2.39 -6.65 -28.63
CA THR C 144 -3.03 -5.87 -29.67
C THR C 144 -3.31 -4.44 -29.25
N ILE C 145 -2.99 -4.06 -28.02
CA ILE C 145 -3.22 -2.72 -27.52
C ILE C 145 -1.98 -1.87 -27.79
N LEU C 146 -2.17 -0.71 -28.40
CA LEU C 146 -1.08 0.21 -28.67
C LEU C 146 -0.79 0.98 -27.39
N TRP C 147 0.16 0.47 -26.61
CA TRP C 147 0.47 1.07 -25.31
C TRP C 147 1.17 2.42 -25.44
N LYS C 148 1.80 2.70 -26.59
CA LYS C 148 2.42 4.00 -26.79
C LYS C 148 1.39 5.12 -26.78
N ASP C 149 0.16 4.82 -27.21
CA ASP C 149 -0.89 5.84 -27.19
C ASP C 149 -1.31 6.17 -25.76
N ILE C 150 -1.36 5.18 -24.88
CA ILE C 150 -1.79 5.42 -23.51
C ILE C 150 -0.76 6.17 -22.70
N PHE C 151 0.52 6.06 -23.05
CA PHE C 151 1.56 6.80 -22.35
C PHE C 151 1.57 8.26 -22.78
N HIS C 152 1.74 9.16 -21.80
CA HIS C 152 1.85 10.57 -22.11
C HIS C 152 3.10 10.83 -22.94
N LYS C 153 3.02 11.83 -23.82
CA LYS C 153 4.14 12.13 -24.70
C LYS C 153 5.38 12.57 -23.94
N ASN C 154 5.22 13.08 -22.72
CA ASN C 154 6.34 13.47 -21.88
C ASN C 154 6.70 12.42 -20.84
N ASN C 155 6.09 11.23 -20.91
CA ASN C 155 6.39 10.19 -19.95
C ASN C 155 7.82 9.70 -20.12
N GLN C 156 8.58 9.72 -19.04
CA GLN C 156 9.98 9.32 -19.08
C GLN C 156 10.17 7.82 -18.90
N LEU C 157 9.48 7.23 -17.94
CA LEU C 157 9.57 5.79 -17.68
C LEU C 157 8.48 5.02 -18.43
N ALA C 158 8.41 5.24 -19.74
CA ALA C 158 7.38 4.60 -20.58
C ALA C 158 7.96 3.34 -21.18
N LEU C 159 7.87 2.24 -20.43
CA LEU C 159 8.33 0.93 -20.88
C LEU C 159 7.22 -0.08 -20.69
N THR C 160 7.24 -1.13 -21.50
CA THR C 160 6.25 -2.18 -21.44
C THR C 160 6.94 -3.54 -21.33
N LEU C 161 6.33 -4.44 -20.57
CA LEU C 161 6.81 -5.81 -20.40
C LEU C 161 5.58 -6.72 -20.40
N ILE C 162 5.21 -7.21 -21.57
CA ILE C 162 3.98 -7.97 -21.77
C ILE C 162 4.35 -9.43 -22.04
N ASP C 163 3.79 -10.33 -21.24
CA ASP C 163 3.94 -11.76 -21.42
C ASP C 163 2.66 -12.27 -22.07
N THR C 164 2.80 -12.87 -23.24
CA THR C 164 1.65 -13.32 -24.03
C THR C 164 1.47 -14.83 -24.01
N ASN C 165 2.07 -15.51 -23.04
CA ASN C 165 1.88 -16.96 -22.92
C ASN C 165 0.45 -17.25 -22.49
N ARG C 166 -0.19 -18.19 -23.18
CA ARG C 166 -1.60 -18.46 -22.98
C ARG C 166 -1.85 -19.97 -22.92
N SER C 167 -2.98 -20.33 -22.31
CA SER C 167 -3.43 -21.71 -22.26
C SER C 167 -4.73 -21.92 -23.04
N ARG C 168 -5.14 -20.93 -23.83
CA ARG C 168 -6.37 -21.04 -24.61
C ARG C 168 -6.24 -20.17 -25.85
N ALA C 169 -7.17 -20.34 -26.79
CA ALA C 169 -7.21 -19.59 -28.02
C ALA C 169 -8.32 -18.53 -27.93
N CYS C 170 -7.97 -17.29 -28.28
CA CYS C 170 -8.89 -16.17 -28.18
C CYS C 170 -9.52 -15.89 -29.55
N HIS C 171 -10.82 -15.64 -29.54
CA HIS C 171 -11.50 -15.23 -30.76
C HIS C 171 -11.06 -13.82 -31.14
N PRO C 172 -11.08 -13.49 -32.43
CA PRO C 172 -10.83 -12.10 -32.83
C PRO C 172 -11.95 -11.19 -32.35
N CYS C 173 -11.58 -9.95 -32.05
CA CYS C 173 -12.58 -8.99 -31.58
C CYS C 173 -13.48 -8.56 -32.74
N SER C 174 -14.46 -7.71 -32.43
CA SER C 174 -15.47 -7.36 -33.41
C SER C 174 -14.84 -6.60 -34.58
N PRO C 175 -15.38 -6.77 -35.78
CA PRO C 175 -14.87 -6.04 -36.95
C PRO C 175 -15.14 -4.54 -36.89
N MET C 176 -15.91 -4.06 -35.90
CA MET C 176 -16.21 -2.64 -35.82
C MET C 176 -14.97 -1.78 -35.56
N CYS C 177 -13.91 -2.36 -35.02
CA CYS C 177 -12.71 -1.59 -34.77
C CYS C 177 -12.04 -1.18 -36.08
N LYS C 178 -11.49 0.04 -36.10
CA LYS C 178 -10.79 0.50 -37.29
C LYS C 178 -9.59 -0.39 -37.60
N GLY C 179 -8.84 -0.77 -36.56
CA GLY C 179 -7.76 -1.73 -36.71
C GLY C 179 -8.09 -3.03 -36.01
N SER C 180 -7.10 -3.63 -35.34
CA SER C 180 -7.30 -4.85 -34.57
C SER C 180 -7.06 -4.63 -33.09
N ARG C 181 -7.08 -3.38 -32.63
CA ARG C 181 -6.82 -3.07 -31.23
C ARG C 181 -8.11 -3.13 -30.44
N CYS C 182 -8.15 -3.98 -29.42
CA CYS C 182 -9.38 -4.19 -28.65
C CYS C 182 -9.03 -4.52 -27.21
N TRP C 183 -9.93 -4.16 -26.30
CA TRP C 183 -9.84 -4.53 -24.89
C TRP C 183 -10.69 -5.76 -24.57
N GLY C 184 -11.33 -6.35 -25.56
CA GLY C 184 -12.20 -7.49 -25.32
C GLY C 184 -12.83 -7.95 -26.61
N GLU C 185 -13.76 -8.89 -26.47
CA GLU C 185 -14.42 -9.48 -27.63
C GLU C 185 -15.61 -8.64 -28.11
N SER C 186 -16.19 -7.84 -27.22
CA SER C 186 -17.39 -7.08 -27.56
C SER C 186 -17.06 -5.96 -28.56
N SER C 187 -18.12 -5.45 -29.19
CA SER C 187 -17.94 -4.40 -30.20
C SER C 187 -17.62 -3.05 -29.56
N GLU C 188 -18.04 -2.83 -28.32
CA GLU C 188 -17.78 -1.59 -27.61
C GLU C 188 -16.46 -1.63 -26.84
N ASP C 189 -15.66 -2.66 -27.03
CA ASP C 189 -14.33 -2.75 -26.44
C ASP C 189 -13.25 -2.24 -27.37
N CYS C 190 -13.63 -1.46 -28.37
CA CYS C 190 -12.67 -0.87 -29.29
C CYS C 190 -11.74 0.07 -28.53
N GLN C 191 -10.49 0.15 -28.98
CA GLN C 191 -9.54 1.07 -28.37
C GLN C 191 -9.58 2.41 -29.09
N SER C 192 -9.63 3.49 -28.32
CA SER C 192 -9.65 4.84 -28.85
C SER C 192 -8.25 5.45 -28.78
N LEU C 193 -7.78 6.00 -29.89
CA LEU C 193 -6.46 6.61 -29.98
C LEU C 193 -6.59 8.13 -29.88
N THR C 194 -5.84 8.73 -28.96
CA THR C 194 -5.85 10.17 -28.75
C THR C 194 -4.47 10.80 -28.85
N ARG C 195 -3.41 10.03 -29.14
CA ARG C 195 -2.06 10.56 -29.22
C ARG C 195 -1.45 10.43 -30.60
N THR C 196 -1.46 9.22 -31.16
CA THR C 196 -0.79 8.98 -32.45
C THR C 196 -1.59 9.49 -33.64
N VAL C 197 -2.84 9.91 -33.44
CA VAL C 197 -3.67 10.44 -34.52
C VAL C 197 -3.78 11.96 -34.46
N CYS C 198 -3.06 12.61 -33.57
CA CYS C 198 -3.15 14.06 -33.43
C CYS C 198 -2.57 14.77 -34.65
N ALA C 199 -3.10 15.95 -34.94
CA ALA C 199 -2.60 16.81 -35.99
C ALA C 199 -1.65 17.84 -35.40
N GLY C 200 -0.47 17.96 -35.99
CA GLY C 200 0.54 18.85 -35.46
C GLY C 200 1.23 18.31 -34.23
N GLY C 201 1.57 19.19 -33.29
CA GLY C 201 2.30 18.82 -32.10
C GLY C 201 1.48 18.69 -30.82
N CYS C 202 0.15 18.78 -30.90
CA CYS C 202 -0.67 18.67 -29.70
C CYS C 202 -0.57 17.28 -29.10
N ALA C 203 -0.41 17.23 -27.78
CA ALA C 203 -0.23 15.94 -27.10
C ALA C 203 -1.51 15.11 -27.10
N ARG C 204 -2.66 15.76 -26.96
CA ARG C 204 -3.95 15.08 -26.93
C ARG C 204 -4.89 15.71 -27.94
N CYS C 205 -5.82 14.91 -28.45
CA CYS C 205 -6.76 15.36 -29.46
C CYS C 205 -7.98 14.46 -29.44
N LYS C 206 -9.05 14.93 -30.07
CA LYS C 206 -10.27 14.16 -30.24
C LYS C 206 -10.53 13.80 -31.70
N GLY C 207 -9.61 14.13 -32.60
CA GLY C 207 -9.75 13.83 -33.99
C GLY C 207 -8.50 14.16 -34.78
N PRO C 208 -8.51 13.87 -36.08
CA PRO C 208 -7.32 14.12 -36.91
C PRO C 208 -7.19 15.55 -37.42
N LEU C 209 -8.13 16.43 -37.09
CA LEU C 209 -8.05 17.80 -37.56
C LEU C 209 -7.25 18.66 -36.59
N PRO C 210 -6.60 19.72 -37.09
CA PRO C 210 -5.87 20.62 -36.20
C PRO C 210 -6.75 21.28 -35.16
N THR C 211 -8.02 21.52 -35.47
CA THR C 211 -8.96 22.11 -34.52
C THR C 211 -9.43 21.12 -33.46
N ASP C 212 -9.10 19.84 -33.61
CA ASP C 212 -9.54 18.80 -32.68
C ASP C 212 -8.58 18.60 -31.51
N CYS C 213 -7.47 19.33 -31.47
CA CYS C 213 -6.54 19.19 -30.37
C CYS C 213 -7.15 19.75 -29.08
N CYS C 214 -6.66 19.24 -27.95
CA CYS C 214 -7.18 19.62 -26.64
C CYS C 214 -6.38 20.76 -26.05
N HIS C 215 -6.88 21.29 -24.93
CA HIS C 215 -6.18 22.33 -24.20
C HIS C 215 -4.90 21.76 -23.59
N GLU C 216 -3.92 22.64 -23.39
CA GLU C 216 -2.62 22.21 -22.88
C GLU C 216 -2.69 21.70 -21.44
N GLN C 217 -3.77 22.01 -20.72
CA GLN C 217 -3.91 21.60 -19.33
C GLN C 217 -4.79 20.38 -19.16
N CYS C 218 -5.17 19.72 -20.25
CA CYS C 218 -6.04 18.55 -20.20
C CYS C 218 -5.23 17.30 -20.49
N ALA C 219 -5.41 16.26 -19.66
CA ALA C 219 -4.51 15.12 -19.65
C ALA C 219 -4.99 13.97 -20.53
N ALA C 220 -6.18 13.45 -20.27
CA ALA C 220 -6.61 12.19 -20.84
C ALA C 220 -7.50 12.33 -22.08
N GLY C 221 -7.71 13.55 -22.57
CA GLY C 221 -8.57 13.79 -23.71
C GLY C 221 -9.57 14.89 -23.43
N CYS C 222 -10.33 15.23 -24.46
CA CYS C 222 -11.23 16.37 -24.37
C CYS C 222 -12.47 16.13 -25.21
N THR C 223 -13.53 16.88 -24.90
CA THR C 223 -14.72 16.97 -25.72
C THR C 223 -14.79 18.26 -26.52
N GLY C 224 -14.09 19.29 -26.06
CA GLY C 224 -14.04 20.56 -26.76
C GLY C 224 -12.68 21.22 -26.66
N PRO C 225 -12.46 22.29 -27.43
CA PRO C 225 -11.14 22.95 -27.42
C PRO C 225 -10.87 23.78 -26.17
N LYS C 226 -11.87 24.02 -25.33
CA LYS C 226 -11.68 24.82 -24.14
C LYS C 226 -11.00 24.01 -23.04
N HIS C 227 -10.68 24.68 -21.93
CA HIS C 227 -10.05 24.05 -20.78
C HIS C 227 -11.05 23.66 -19.70
N SER C 228 -12.35 23.68 -20.03
CA SER C 228 -13.40 23.29 -19.10
C SER C 228 -14.20 22.08 -19.55
N ASP C 229 -13.85 21.47 -20.69
CA ASP C 229 -14.61 20.38 -21.26
C ASP C 229 -13.70 19.22 -21.67
N CYS C 230 -12.78 18.85 -20.78
CA CYS C 230 -11.89 17.73 -21.02
C CYS C 230 -12.04 16.69 -19.93
N LEU C 231 -11.67 15.45 -20.27
CA LEU C 231 -11.93 14.30 -19.41
C LEU C 231 -11.10 14.31 -18.13
N ALA C 232 -9.92 14.93 -18.13
CA ALA C 232 -9.10 14.97 -16.94
C ALA C 232 -8.25 16.24 -16.95
N CYS C 233 -7.83 16.65 -15.76
CA CYS C 233 -6.97 17.80 -15.58
C CYS C 233 -5.53 17.35 -15.41
N LEU C 234 -4.63 17.94 -16.19
CA LEU C 234 -3.23 17.53 -16.16
C LEU C 234 -2.61 17.82 -14.79
N HIS C 235 -2.87 19.00 -14.23
CA HIS C 235 -2.29 19.38 -12.95
C HIS C 235 -3.34 19.55 -11.86
N PHE C 236 -4.34 20.40 -12.06
CA PHE C 236 -5.31 20.70 -11.02
C PHE C 236 -6.66 21.01 -11.64
N ASN C 237 -7.72 20.69 -10.91
CA ASN C 237 -9.09 20.99 -11.30
C ASN C 237 -9.65 22.06 -10.39
N HIS C 238 -10.06 23.18 -10.96
CA HIS C 238 -10.57 24.32 -10.20
C HIS C 238 -12.04 24.52 -10.57
N SER C 239 -12.92 23.79 -9.88
CA SER C 239 -14.37 23.88 -10.08
C SER C 239 -14.75 23.68 -11.54
N GLY C 240 -14.10 22.71 -12.19
CA GLY C 240 -14.35 22.43 -13.58
C GLY C 240 -13.39 23.08 -14.56
N ILE C 241 -12.36 23.76 -14.07
CA ILE C 241 -11.38 24.44 -14.90
C ILE C 241 -10.02 23.82 -14.66
N CYS C 242 -9.35 23.40 -15.73
CA CYS C 242 -8.03 22.80 -15.65
C CYS C 242 -7.00 23.92 -15.57
N GLU C 243 -6.31 24.02 -14.43
CA GLU C 243 -5.35 25.08 -14.19
C GLU C 243 -4.01 24.49 -13.77
N LEU C 244 -2.92 25.13 -14.21
CA LEU C 244 -1.59 24.67 -13.84
C LEU C 244 -1.34 24.83 -12.34
N HIS C 245 -1.78 25.94 -11.76
CA HIS C 245 -1.59 26.21 -10.34
C HIS C 245 -2.91 26.61 -9.71
N CYS C 246 -3.14 26.14 -8.48
CA CYS C 246 -4.29 26.61 -7.72
C CYS C 246 -4.11 28.09 -7.38
N PRO C 247 -5.20 28.85 -7.28
CA PRO C 247 -5.08 30.27 -6.94
C PRO C 247 -4.40 30.47 -5.60
N ALA C 248 -3.54 31.48 -5.54
CA ALA C 248 -2.74 31.72 -4.35
C ALA C 248 -3.60 32.25 -3.20
N LEU C 249 -3.18 31.93 -1.97
CA LEU C 249 -3.89 32.39 -0.80
C LEU C 249 -3.64 33.86 -0.49
N VAL C 250 -2.48 34.38 -0.91
CA VAL C 250 -2.14 35.78 -0.66
C VAL C 250 -1.81 36.48 -1.98
N ASN C 262 -6.22 36.58 -0.11
CA ASN C 262 -6.97 36.44 -1.36
C ASN C 262 -8.31 35.73 -1.11
N PRO C 263 -9.41 36.44 -1.37
CA PRO C 263 -10.73 35.80 -1.21
C PRO C 263 -10.94 34.62 -2.15
N GLU C 264 -10.23 34.56 -3.27
CA GLU C 264 -10.35 33.46 -4.23
C GLU C 264 -9.31 32.38 -4.00
N GLY C 265 -8.50 32.50 -2.94
CA GLY C 265 -7.47 31.50 -2.71
C GLY C 265 -8.05 30.14 -2.40
N ARG C 266 -7.41 29.10 -2.94
CA ARG C 266 -7.83 27.72 -2.73
C ARG C 266 -6.64 26.90 -2.27
N TYR C 267 -6.92 25.85 -1.50
CA TYR C 267 -5.89 24.93 -1.05
C TYR C 267 -5.70 23.80 -2.06
N THR C 268 -4.48 23.28 -2.10
CA THR C 268 -4.13 22.19 -3.00
C THR C 268 -4.37 20.86 -2.30
N PHE C 269 -5.21 20.01 -2.89
CA PHE C 269 -5.55 18.71 -2.33
C PHE C 269 -5.57 17.69 -3.47
N GLY C 270 -4.48 16.95 -3.62
CA GLY C 270 -4.37 16.00 -4.71
C GLY C 270 -4.20 16.68 -6.05
N ALA C 271 -5.21 16.58 -6.91
CA ALA C 271 -5.22 17.20 -8.22
C ALA C 271 -6.41 18.13 -8.39
N SER C 272 -6.81 18.78 -7.29
CA SER C 272 -7.94 19.69 -7.32
C SER C 272 -7.71 20.82 -6.32
N CYS C 273 -8.35 21.96 -6.59
CA CYS C 273 -8.30 23.10 -5.69
C CYS C 273 -9.56 23.12 -4.84
N VAL C 274 -9.38 23.25 -3.53
CA VAL C 274 -10.49 23.19 -2.59
C VAL C 274 -10.49 24.45 -1.72
N THR C 275 -11.68 24.79 -1.22
CA THR C 275 -11.81 25.95 -0.34
C THR C 275 -11.13 25.71 0.99
N ALA C 276 -11.36 24.54 1.60
CA ALA C 276 -10.79 24.19 2.89
C ALA C 276 -10.21 22.78 2.83
N CYS C 277 -9.24 22.53 3.69
CA CYS C 277 -8.61 21.21 3.75
C CYS C 277 -9.60 20.19 4.32
N PRO C 278 -9.44 18.91 3.99
CA PRO C 278 -10.33 17.88 4.53
C PRO C 278 -10.23 17.72 6.04
N TYR C 279 -11.03 16.81 6.59
CA TYR C 279 -11.17 16.72 8.05
C TYR C 279 -9.86 16.34 8.73
N ASN C 280 -9.13 15.38 8.17
CA ASN C 280 -7.95 14.82 8.81
C ASN C 280 -6.65 15.21 8.11
N TYR C 281 -6.57 16.47 7.67
CA TYR C 281 -5.40 16.97 6.97
C TYR C 281 -4.89 18.24 7.64
N LEU C 282 -3.64 18.57 7.35
CA LEU C 282 -2.98 19.77 7.87
C LEU C 282 -2.84 20.78 6.75
N SER C 283 -3.24 22.01 7.02
CA SER C 283 -3.16 23.09 6.03
C SER C 283 -1.84 23.83 6.20
N THR C 284 -1.04 23.87 5.13
CA THR C 284 0.25 24.53 5.14
C THR C 284 0.09 25.98 4.71
N ASP C 285 1.02 26.83 5.17
CA ASP C 285 1.03 28.23 4.74
C ASP C 285 1.30 28.36 3.25
N VAL C 286 1.90 27.35 2.62
CA VAL C 286 2.09 27.36 1.18
C VAL C 286 0.75 27.32 0.46
N GLY C 287 -0.20 26.56 0.98
CA GLY C 287 -1.51 26.46 0.38
C GLY C 287 -1.85 25.06 -0.11
N SER C 288 -1.33 24.05 0.59
CA SER C 288 -1.58 22.65 0.24
C SER C 288 -2.01 21.89 1.48
N CYS C 289 -2.83 20.86 1.27
CA CYS C 289 -3.30 19.99 2.35
C CYS C 289 -2.37 18.78 2.43
N THR C 290 -1.64 18.65 3.53
CA THR C 290 -0.70 17.57 3.75
C THR C 290 -1.10 16.77 4.98
N LEU C 291 -0.43 15.63 5.16
CA LEU C 291 -0.66 14.76 6.31
C LEU C 291 0.44 14.86 7.36
N VAL C 292 1.46 15.68 7.12
CA VAL C 292 2.56 15.86 8.08
C VAL C 292 3.15 17.24 7.87
N CYS C 293 3.54 17.88 8.97
CA CYS C 293 4.13 19.20 8.89
C CYS C 293 5.53 19.12 8.29
N PRO C 294 5.95 20.15 7.56
CA PRO C 294 7.30 20.14 6.98
C PRO C 294 8.36 20.46 8.04
N LEU C 295 9.61 20.56 7.57
CA LEU C 295 10.73 20.80 8.47
C LEU C 295 10.63 22.19 9.09
N HIS C 296 11.07 22.29 10.35
CA HIS C 296 11.06 23.55 11.11
C HIS C 296 9.66 24.15 11.18
N ASN C 297 8.66 23.28 11.30
CA ASN C 297 7.27 23.70 11.41
C ASN C 297 6.59 22.95 12.55
N GLN C 298 5.60 23.61 13.16
CA GLN C 298 4.90 23.05 14.31
C GLN C 298 3.41 23.05 14.03
N GLU C 299 2.76 21.93 14.36
CA GLU C 299 1.32 21.82 14.17
C GLU C 299 0.59 22.64 15.23
N VAL C 300 -0.38 23.45 14.79
CA VAL C 300 -1.15 24.33 15.66
C VAL C 300 -2.63 23.98 15.50
N THR C 301 -3.30 23.76 16.62
CA THR C 301 -4.72 23.41 16.63
C THR C 301 -5.55 24.66 16.89
N ALA C 302 -6.53 24.91 16.04
CA ALA C 302 -7.40 26.07 16.19
C ALA C 302 -8.76 25.68 16.78
N THR C 306 -9.87 22.27 13.10
CA THR C 306 -8.85 22.22 12.06
C THR C 306 -7.46 22.47 12.63
N GLN C 307 -6.44 21.99 11.93
CA GLN C 307 -5.05 22.16 12.34
C GLN C 307 -4.23 22.64 11.15
N ARG C 308 -3.21 23.44 11.45
CA ARG C 308 -2.31 24.00 10.45
C ARG C 308 -0.87 23.77 10.87
N CYS C 309 0.03 23.93 9.90
CA CYS C 309 1.47 23.85 10.14
C CYS C 309 2.01 25.27 10.13
N GLU C 310 2.10 25.87 11.31
CA GLU C 310 2.56 27.25 11.45
C GLU C 310 4.02 27.30 11.89
N VAL C 319 9.51 16.95 20.43
CA VAL C 319 8.30 16.15 20.34
C VAL C 319 8.65 14.67 20.18
N CYS C 320 7.83 13.80 20.76
CA CYS C 320 8.06 12.37 20.64
C CYS C 320 7.76 11.89 19.22
N TYR C 321 8.64 11.07 18.69
CA TYR C 321 8.49 10.50 17.36
C TYR C 321 8.28 9.00 17.47
N GLY C 322 7.21 8.50 16.86
CA GLY C 322 6.91 7.09 16.85
C GLY C 322 7.61 6.34 15.75
N LEU C 323 7.21 5.10 15.54
CA LEU C 323 7.78 4.28 14.48
C LEU C 323 7.50 4.90 13.13
N GLY C 324 8.54 4.97 12.29
CA GLY C 324 8.39 5.44 10.92
C GLY C 324 8.44 6.94 10.72
N MET C 325 8.93 7.72 11.69
CA MET C 325 9.00 9.17 11.56
C MET C 325 10.42 9.67 11.84
N GLU C 326 11.29 9.54 10.84
CA GLU C 326 12.53 10.30 10.72
C GLU C 326 13.60 9.93 11.74
N HIS C 327 13.28 9.10 12.73
CA HIS C 327 14.30 8.59 13.63
C HIS C 327 14.15 7.08 13.79
N LEU C 328 12.92 6.61 13.69
CA LEU C 328 12.58 5.18 13.79
C LEU C 328 11.92 4.70 12.51
N ARG C 329 12.41 5.19 11.37
CA ARG C 329 11.79 4.84 10.09
C ARG C 329 11.91 3.35 9.80
N GLU C 330 13.07 2.76 10.08
CA GLU C 330 13.29 1.35 9.82
C GLU C 330 12.87 0.45 10.99
N VAL C 331 12.53 1.02 12.13
CA VAL C 331 12.11 0.23 13.29
C VAL C 331 10.67 -0.20 13.10
N ARG C 332 10.40 -1.48 13.35
CA ARG C 332 9.08 -2.06 13.12
C ARG C 332 8.40 -2.55 14.39
N ALA C 333 8.99 -2.35 15.56
CA ALA C 333 8.38 -2.83 16.79
C ALA C 333 8.85 -1.97 17.95
N VAL C 334 8.07 -1.99 19.03
CA VAL C 334 8.41 -1.27 20.26
C VAL C 334 9.09 -2.30 21.18
N THR C 335 10.41 -2.22 21.26
CA THR C 335 11.21 -3.14 22.05
C THR C 335 11.71 -2.44 23.31
N SER C 336 12.53 -3.15 24.08
CA SER C 336 13.11 -2.59 25.29
C SER C 336 14.24 -1.61 24.99
N ALA C 337 14.73 -1.55 23.76
CA ALA C 337 15.78 -0.62 23.38
C ALA C 337 15.28 0.76 22.99
N ASN C 338 13.96 0.92 22.85
CA ASN C 338 13.41 2.23 22.48
C ASN C 338 12.13 2.58 23.25
N ILE C 339 11.74 1.79 24.25
CA ILE C 339 10.51 2.08 24.97
C ILE C 339 10.66 3.32 25.84
N GLN C 340 11.87 3.61 26.32
CA GLN C 340 12.09 4.77 27.17
C GLN C 340 11.97 6.09 26.42
N GLU C 341 11.93 6.06 25.08
CA GLU C 341 11.77 7.29 24.32
C GLU C 341 10.35 7.85 24.42
N PHE C 342 9.39 7.04 24.87
CA PHE C 342 8.00 7.45 24.99
C PHE C 342 7.60 7.78 26.43
N ALA C 343 8.57 7.87 27.34
CA ALA C 343 8.26 8.11 28.74
C ALA C 343 7.81 9.56 28.93
N GLY C 344 6.70 9.73 29.66
CA GLY C 344 6.19 11.06 29.94
C GLY C 344 5.76 11.83 28.70
N CYS C 345 5.11 11.16 27.76
CA CYS C 345 4.67 11.78 26.51
C CYS C 345 3.16 11.80 26.42
N LYS C 346 2.63 12.84 25.79
CA LYS C 346 1.19 13.01 25.61
C LYS C 346 0.74 12.97 24.16
N LYS C 347 1.66 12.97 23.21
CA LYS C 347 1.30 12.92 21.79
C LYS C 347 2.47 12.37 21.01
N ILE C 348 2.24 11.30 20.26
CA ILE C 348 3.28 10.60 19.52
C ILE C 348 3.10 10.91 18.04
N PHE C 349 4.17 11.36 17.40
CA PHE C 349 4.16 11.64 15.96
C PHE C 349 4.63 10.40 15.21
N GLY C 350 3.75 9.41 15.18
CA GLY C 350 4.06 8.15 14.52
C GLY C 350 3.08 7.07 14.94
N SER C 351 3.50 5.83 14.77
CA SER C 351 2.70 4.66 15.05
C SER C 351 3.26 3.88 16.24
N LEU C 352 2.56 2.81 16.62
CA LEU C 352 2.98 1.94 17.71
C LEU C 352 2.64 0.51 17.32
N ALA C 353 3.66 -0.31 17.10
CA ALA C 353 3.48 -1.71 16.72
C ALA C 353 4.07 -2.60 17.80
N PHE C 354 3.30 -3.62 18.20
CA PHE C 354 3.71 -4.57 19.24
C PHE C 354 3.75 -5.96 18.61
N LEU C 355 4.90 -6.28 18.02
CA LEU C 355 5.11 -7.58 17.39
C LEU C 355 5.43 -8.64 18.44
N PRO C 356 5.32 -9.92 18.09
CA PRO C 356 5.73 -10.97 19.05
C PRO C 356 7.19 -10.85 19.45
N GLU C 357 8.07 -10.38 18.56
CA GLU C 357 9.48 -10.21 18.88
C GLU C 357 9.72 -9.15 19.95
N SER C 358 8.74 -8.30 20.22
CA SER C 358 8.92 -7.26 21.23
C SER C 358 9.02 -7.84 22.63
N PHE C 359 8.29 -8.92 22.91
CA PHE C 359 8.23 -9.51 24.24
C PHE C 359 9.11 -10.74 24.39
N ASP C 360 9.94 -11.06 23.40
CA ASP C 360 10.89 -12.16 23.53
C ASP C 360 12.11 -11.97 22.63
N ALA C 368 16.86 -7.71 25.28
CA ALA C 368 16.06 -8.07 26.45
C ALA C 368 14.58 -7.98 26.14
N PRO C 369 13.82 -9.02 26.50
CA PRO C 369 12.37 -9.00 26.25
C PRO C 369 11.68 -7.91 27.05
N LEU C 370 10.62 -7.36 26.46
CA LEU C 370 9.83 -6.34 27.15
C LEU C 370 9.08 -6.95 28.33
N GLN C 371 8.87 -6.14 29.36
CA GLN C 371 8.21 -6.55 30.58
C GLN C 371 6.88 -5.84 30.75
N PRO C 372 5.92 -6.46 31.43
CA PRO C 372 4.63 -5.78 31.67
C PRO C 372 4.77 -4.50 32.47
N GLU C 373 5.75 -4.41 33.38
CA GLU C 373 5.92 -3.21 34.18
C GLU C 373 6.46 -2.04 33.37
N GLN C 374 7.09 -2.29 32.23
CA GLN C 374 7.62 -1.22 31.39
C GLN C 374 6.55 -0.56 30.53
N LEU C 375 5.37 -1.19 30.39
CA LEU C 375 4.34 -0.66 29.52
C LEU C 375 3.60 0.53 30.12
N GLN C 376 3.86 0.86 31.38
CA GLN C 376 3.16 1.97 32.04
C GLN C 376 3.59 3.33 31.51
N VAL C 377 4.64 3.39 30.69
CA VAL C 377 5.08 4.67 30.13
C VAL C 377 4.04 5.26 29.17
N PHE C 378 3.08 4.46 28.72
CA PHE C 378 2.03 4.92 27.83
C PHE C 378 0.78 5.37 28.57
N GLU C 379 0.83 5.43 29.91
CA GLU C 379 -0.35 5.82 30.68
C GLU C 379 -0.74 7.27 30.41
N THR C 380 0.21 8.12 30.06
CA THR C 380 -0.05 9.53 29.79
C THR C 380 -0.31 9.81 28.32
N LEU C 381 -0.23 8.79 27.47
CA LEU C 381 -0.48 9.00 26.04
C LEU C 381 -1.94 9.34 25.79
N GLU C 382 -2.17 10.31 24.89
CA GLU C 382 -3.52 10.75 24.56
C GLU C 382 -3.80 10.84 23.08
N GLU C 383 -2.80 10.90 22.21
CA GLU C 383 -3.02 11.01 20.78
C GLU C 383 -1.92 10.27 20.04
N ILE C 384 -2.32 9.50 19.03
CA ILE C 384 -1.39 8.81 18.13
C ILE C 384 -1.64 9.33 16.72
N THR C 385 -0.58 9.84 16.08
CA THR C 385 -0.74 10.38 14.73
C THR C 385 -0.90 9.26 13.71
N GLY C 386 -0.28 8.11 13.94
CA GLY C 386 -0.35 6.97 13.04
C GLY C 386 -1.37 5.96 13.49
N TYR C 387 -1.03 4.69 13.36
CA TYR C 387 -1.90 3.58 13.71
C TYR C 387 -1.46 2.94 15.02
N LEU C 388 -2.25 1.98 15.48
CA LEU C 388 -1.95 1.21 16.69
C LEU C 388 -2.06 -0.26 16.33
N TYR C 389 -0.93 -0.96 16.31
CA TYR C 389 -0.87 -2.37 15.94
C TYR C 389 -0.42 -3.17 17.15
N ILE C 390 -1.23 -4.16 17.53
CA ILE C 390 -0.93 -5.03 18.67
C ILE C 390 -1.20 -6.46 18.22
N SER C 391 -0.15 -7.19 17.84
CA SER C 391 -0.25 -8.60 17.52
C SER C 391 0.28 -9.49 18.63
N ALA C 392 0.74 -8.91 19.74
CA ALA C 392 1.22 -9.66 20.88
C ALA C 392 0.99 -8.86 22.15
N TRP C 393 0.87 -9.55 23.26
CA TRP C 393 0.57 -8.91 24.54
C TRP C 393 0.92 -9.86 25.68
N PRO C 394 1.37 -9.34 26.82
CA PRO C 394 1.67 -10.22 27.95
C PRO C 394 0.43 -10.97 28.41
N ASP C 395 0.63 -12.23 28.81
CA ASP C 395 -0.49 -13.07 29.24
C ASP C 395 -1.00 -12.66 30.62
N SER C 396 -0.24 -11.89 31.38
CA SER C 396 -0.66 -11.44 32.70
C SER C 396 -1.53 -10.19 32.65
N LEU C 397 -1.71 -9.59 31.47
CA LEU C 397 -2.54 -8.40 31.34
C LEU C 397 -3.88 -8.79 30.75
N PRO C 398 -4.97 -8.71 31.52
CA PRO C 398 -6.27 -9.12 30.99
C PRO C 398 -6.94 -8.10 30.08
N ASP C 399 -6.32 -6.95 29.84
CA ASP C 399 -6.91 -5.91 29.02
C ASP C 399 -5.81 -5.02 28.46
N LEU C 400 -6.23 -3.98 27.75
CA LEU C 400 -5.33 -2.97 27.18
C LEU C 400 -5.31 -1.71 28.03
N SER C 401 -5.36 -1.85 29.36
CA SER C 401 -5.51 -0.72 30.26
C SER C 401 -4.31 0.23 30.25
N VAL C 402 -3.18 -0.17 29.66
CA VAL C 402 -2.05 0.75 29.57
C VAL C 402 -2.35 1.91 28.64
N PHE C 403 -3.35 1.77 27.78
CA PHE C 403 -3.83 2.86 26.92
C PHE C 403 -5.12 3.45 27.45
N GLN C 404 -5.23 3.56 28.78
CA GLN C 404 -6.46 4.05 29.40
C GLN C 404 -6.77 5.48 28.97
N ASN C 405 -5.75 6.33 28.90
CA ASN C 405 -5.95 7.75 28.61
C ASN C 405 -5.83 8.08 27.13
N LEU C 406 -5.66 7.09 26.27
CA LEU C 406 -5.61 7.36 24.83
C LEU C 406 -6.98 7.81 24.35
N GLN C 407 -7.03 8.95 23.66
CA GLN C 407 -8.29 9.53 23.22
C GLN C 407 -8.48 9.55 21.72
N VAL C 408 -7.44 9.85 20.94
CA VAL C 408 -7.55 9.96 19.50
C VAL C 408 -6.48 9.11 18.84
N ILE C 409 -6.88 8.29 17.88
CA ILE C 409 -5.98 7.63 16.95
C ILE C 409 -6.20 8.30 15.61
N ARG C 410 -5.27 9.17 15.21
CA ARG C 410 -5.49 10.00 14.03
C ARG C 410 -5.56 9.16 12.76
N GLY C 411 -4.72 8.14 12.65
CA GLY C 411 -4.72 7.30 11.48
C GLY C 411 -4.28 8.01 10.21
N ARG C 412 -3.34 8.95 10.33
CA ARG C 412 -2.77 9.57 9.14
C ARG C 412 -1.80 8.64 8.42
N ILE C 413 -1.23 7.67 9.13
CA ILE C 413 -0.50 6.57 8.53
C ILE C 413 -1.22 5.28 8.93
N LEU C 414 -1.50 4.43 7.96
CA LEU C 414 -2.30 3.24 8.17
C LEU C 414 -1.46 1.99 7.97
N HIS C 415 -1.68 0.99 8.81
CA HIS C 415 -1.01 -0.30 8.65
C HIS C 415 -1.55 -0.99 7.40
N ASN C 416 -0.64 -1.37 6.51
CA ASN C 416 -0.96 -1.90 5.18
C ASN C 416 -1.77 -0.94 4.34
N GLY C 417 -1.86 0.32 4.73
CA GLY C 417 -2.61 1.32 4.01
C GLY C 417 -4.10 1.31 4.23
N ALA C 418 -4.61 0.45 5.13
CA ALA C 418 -6.05 0.32 5.33
C ALA C 418 -6.49 0.32 6.78
N TYR C 419 -5.63 0.01 7.74
CA TYR C 419 -6.04 -0.19 9.12
C TYR C 419 -5.34 0.79 10.04
N SER C 420 -6.09 1.30 11.03
CA SER C 420 -5.54 2.17 12.06
C SER C 420 -5.60 1.55 13.45
N LEU C 421 -6.24 0.40 13.62
CA LEU C 421 -6.31 -0.27 14.92
C LEU C 421 -6.49 -1.76 14.65
N THR C 422 -5.46 -2.55 14.96
CA THR C 422 -5.47 -3.99 14.73
C THR C 422 -5.16 -4.73 16.02
N LEU C 423 -5.96 -5.75 16.33
CA LEU C 423 -5.77 -6.57 17.52
C LEU C 423 -6.04 -8.02 17.12
N GLN C 424 -4.98 -8.82 17.03
CA GLN C 424 -5.11 -10.22 16.63
C GLN C 424 -4.27 -11.11 17.56
N GLY C 425 -4.84 -12.27 17.92
CA GLY C 425 -4.13 -13.26 18.70
C GLY C 425 -3.62 -12.76 20.03
N LEU C 426 -4.47 -12.06 20.78
CA LEU C 426 -4.07 -11.43 22.03
C LEU C 426 -4.44 -12.23 23.26
N GLY C 427 -5.59 -12.90 23.26
CA GLY C 427 -6.06 -13.59 24.44
C GLY C 427 -6.40 -12.67 25.58
N ILE C 428 -7.02 -11.53 25.29
CA ILE C 428 -7.42 -10.55 26.29
C ILE C 428 -8.91 -10.72 26.56
N SER C 429 -9.33 -10.41 27.79
CA SER C 429 -10.71 -10.61 28.17
C SER C 429 -11.59 -9.43 27.75
N TRP C 430 -11.08 -8.21 27.84
CA TRP C 430 -11.84 -7.03 27.40
C TRP C 430 -10.86 -5.98 26.89
N LEU C 431 -11.40 -4.98 26.22
CA LEU C 431 -10.57 -3.96 25.58
C LEU C 431 -10.02 -2.96 26.60
N GLY C 432 -10.90 -2.24 27.27
CA GLY C 432 -10.48 -1.29 28.27
C GLY C 432 -9.96 0.04 27.74
N LEU C 433 -10.30 0.40 26.51
CA LEU C 433 -9.90 1.69 25.94
C LEU C 433 -10.94 2.75 26.30
N ARG C 434 -10.96 3.11 27.59
CA ARG C 434 -12.05 3.91 28.14
C ARG C 434 -12.12 5.30 27.53
N SER C 435 -10.99 5.92 27.23
CA SER C 435 -10.96 7.32 26.80
C SER C 435 -10.97 7.49 25.29
N LEU C 436 -11.05 6.40 24.52
CA LEU C 436 -11.03 6.52 23.07
C LEU C 436 -12.35 7.08 22.57
N ARG C 437 -12.27 8.13 21.75
CA ARG C 437 -13.45 8.79 21.21
C ARG C 437 -13.48 8.87 19.70
N GLU C 438 -12.32 9.01 19.04
CA GLU C 438 -12.29 9.27 17.61
C GLU C 438 -11.28 8.36 16.92
N LEU C 439 -11.67 7.84 15.77
CA LEU C 439 -10.77 7.17 14.84
C LEU C 439 -10.75 8.01 13.57
N GLY C 440 -9.66 8.74 13.35
CA GLY C 440 -9.64 9.72 12.28
C GLY C 440 -9.78 9.12 10.90
N SER C 441 -9.09 8.01 10.66
CA SER C 441 -9.13 7.37 9.34
C SER C 441 -8.79 5.90 9.51
N GLY C 442 -9.09 5.13 8.46
CA GLY C 442 -8.78 3.71 8.44
C GLY C 442 -9.87 2.87 9.09
N LEU C 443 -9.70 1.56 8.96
CA LEU C 443 -10.62 0.58 9.49
C LEU C 443 -10.08 -0.04 10.78
N ALA C 444 -10.99 -0.63 11.55
CA ALA C 444 -10.64 -1.31 12.80
C ALA C 444 -10.80 -2.81 12.57
N LEU C 445 -9.73 -3.56 12.87
CA LEU C 445 -9.69 -5.00 12.63
C LEU C 445 -9.38 -5.71 13.95
N ILE C 446 -10.33 -6.52 14.42
CA ILE C 446 -10.16 -7.26 15.66
C ILE C 446 -10.58 -8.71 15.43
N HIS C 447 -9.61 -9.60 15.27
CA HIS C 447 -9.90 -10.98 14.90
C HIS C 447 -8.99 -11.94 15.65
N HIS C 448 -9.45 -13.18 15.78
CA HIS C 448 -8.69 -14.29 16.37
C HIS C 448 -8.30 -14.00 17.82
N ASN C 449 -9.18 -13.32 18.57
CA ASN C 449 -9.02 -13.16 20.01
C ASN C 449 -10.07 -14.07 20.67
N THR C 450 -9.64 -15.29 21.02
CA THR C 450 -10.57 -16.32 21.47
C THR C 450 -11.19 -16.04 22.83
N HIS C 451 -10.65 -15.10 23.60
CA HIS C 451 -11.16 -14.79 24.93
C HIS C 451 -11.72 -13.37 25.02
N LEU C 452 -11.96 -12.72 23.90
CA LEU C 452 -12.34 -11.30 23.91
C LEU C 452 -13.86 -11.16 23.84
N CYS C 453 -14.42 -10.54 24.87
CA CYS C 453 -15.82 -10.13 24.91
C CYS C 453 -15.90 -8.60 24.82
N PHE C 454 -17.11 -8.07 24.97
CA PHE C 454 -17.39 -6.63 24.97
C PHE C 454 -16.95 -5.95 23.68
N VAL C 455 -16.82 -6.70 22.60
CA VAL C 455 -16.47 -6.09 21.32
C VAL C 455 -17.63 -5.28 20.78
N HIS C 456 -18.85 -5.80 20.90
CA HIS C 456 -20.04 -5.15 20.36
C HIS C 456 -20.67 -4.17 21.33
N THR C 457 -20.16 -4.07 22.57
CA THR C 457 -20.66 -3.11 23.54
C THR C 457 -19.97 -1.75 23.42
N VAL C 458 -19.28 -1.51 22.31
CA VAL C 458 -18.55 -0.25 22.10
C VAL C 458 -19.24 0.54 20.99
N PRO C 459 -19.50 1.83 21.18
CA PRO C 459 -20.09 2.65 20.10
C PRO C 459 -19.08 2.95 18.99
N TRP C 460 -18.90 1.96 18.11
CA TRP C 460 -17.90 2.09 17.05
C TRP C 460 -18.32 3.12 16.00
N ASP C 461 -19.62 3.25 15.75
CA ASP C 461 -20.07 4.21 14.75
C ASP C 461 -19.82 5.66 15.20
N GLN C 462 -19.86 5.91 16.51
CA GLN C 462 -19.55 7.25 17.02
C GLN C 462 -18.06 7.56 16.90
N LEU C 463 -17.20 6.55 16.82
CA LEU C 463 -15.76 6.77 16.73
C LEU C 463 -15.30 7.12 15.33
N PHE C 464 -16.07 6.75 14.31
CA PHE C 464 -15.67 6.98 12.93
C PHE C 464 -16.10 8.36 12.46
N ARG C 465 -15.31 8.94 11.55
CA ARG C 465 -15.56 10.26 11.00
C ARG C 465 -15.52 10.22 9.48
N ASN C 466 -16.00 9.12 8.89
CA ASN C 466 -15.96 8.94 7.45
C ASN C 466 -16.91 7.82 7.04
N PRO C 467 -17.60 7.94 5.89
CA PRO C 467 -18.40 6.82 5.41
C PRO C 467 -17.56 5.80 4.65
N HIS C 468 -16.40 5.48 5.22
CA HIS C 468 -15.52 4.44 4.68
C HIS C 468 -14.89 3.58 5.76
N GLN C 469 -15.16 3.85 7.03
CA GLN C 469 -14.58 3.11 8.14
C GLN C 469 -15.61 2.13 8.70
N ALA C 470 -15.12 0.98 9.15
CA ALA C 470 -15.98 -0.06 9.70
C ALA C 470 -15.14 -0.94 10.61
N LEU C 471 -15.83 -1.75 11.41
CA LEU C 471 -15.19 -2.69 12.32
C LEU C 471 -15.31 -4.09 11.73
N LEU C 472 -14.17 -4.69 11.39
CA LEU C 472 -14.12 -6.05 10.87
C LEU C 472 -13.67 -6.98 11.99
N HIS C 473 -14.54 -7.91 12.37
CA HIS C 473 -14.28 -8.80 13.50
C HIS C 473 -14.68 -10.21 13.14
N THR C 474 -13.77 -11.16 13.37
CA THR C 474 -14.02 -12.58 13.13
C THR C 474 -13.26 -13.39 14.16
N ALA C 475 -13.72 -14.63 14.36
CA ALA C 475 -13.01 -15.62 15.17
C ALA C 475 -12.76 -15.14 16.59
N ASN C 476 -13.65 -14.33 17.14
CA ASN C 476 -13.57 -13.91 18.53
C ASN C 476 -14.36 -14.89 19.39
N ARG C 477 -14.42 -14.61 20.69
CA ARG C 477 -15.25 -15.42 21.57
C ARG C 477 -16.72 -15.25 21.18
N PRO C 478 -17.49 -16.32 21.10
CA PRO C 478 -18.89 -16.19 20.68
C PRO C 478 -19.67 -15.30 21.63
N GLU C 479 -20.56 -14.49 21.06
CA GLU C 479 -21.32 -13.54 21.87
C GLU C 479 -22.38 -14.24 22.72
N ASP C 480 -22.82 -15.44 22.32
CA ASP C 480 -23.76 -16.18 23.15
C ASP C 480 -23.17 -16.51 24.51
N GLU C 481 -21.89 -16.92 24.52
CA GLU C 481 -21.22 -17.23 25.78
C GLU C 481 -20.67 -16.00 26.48
N CYS C 482 -20.62 -14.85 25.82
CA CYS C 482 -20.12 -13.62 26.43
C CYS C 482 -21.10 -13.10 27.46
N HIS C 497 -23.39 0.51 26.35
CA HIS C 497 -22.13 1.04 25.87
C HIS C 497 -21.07 1.04 26.97
N CYS C 498 -20.09 0.15 26.85
CA CYS C 498 -19.03 0.03 27.85
C CYS C 498 -17.81 -0.60 27.20
N TRP C 499 -16.68 -0.50 27.89
CA TRP C 499 -15.43 -1.07 27.42
C TRP C 499 -15.01 -2.33 28.18
N GLY C 500 -15.66 -2.64 29.30
CA GLY C 500 -15.31 -3.81 30.08
C GLY C 500 -16.21 -3.98 31.28
N PRO C 501 -15.94 -5.00 32.08
CA PRO C 501 -16.74 -5.22 33.29
C PRO C 501 -16.51 -4.11 34.32
N GLY C 502 -17.55 -3.86 35.12
CA GLY C 502 -17.45 -2.89 36.18
C GLY C 502 -18.12 -1.57 35.85
N PRO C 503 -18.37 -0.74 36.86
CA PRO C 503 -19.00 0.56 36.61
C PRO C 503 -18.07 1.61 36.06
N THR C 504 -16.76 1.40 36.12
CA THR C 504 -15.77 2.38 35.67
C THR C 504 -15.47 2.28 34.18
N GLN C 505 -16.03 1.28 33.48
CA GLN C 505 -15.77 1.08 32.07
C GLN C 505 -16.89 1.63 31.18
N CYS C 506 -17.83 2.37 31.76
CA CYS C 506 -18.93 2.92 30.97
C CYS C 506 -18.43 3.98 29.99
N VAL C 507 -19.06 4.04 28.83
CA VAL C 507 -18.69 4.99 27.80
C VAL C 507 -19.23 6.38 28.14
#